data_3GIQ
#
_entry.id   3GIQ
#
_cell.length_a   91.291
_cell.length_b   91.291
_cell.length_c   507.584
_cell.angle_alpha   90.00
_cell.angle_beta   90.00
_cell.angle_gamma   120.00
#
_symmetry.space_group_name_H-M   'P 61 2 2'
#
loop_
_entity.id
_entity.type
_entity.pdbx_description
1 polymer 'N-acyl-D-glutamate deacylase'
2 non-polymer 'N-[(R)-hydroxy(methyl)phosphoryl]-D-glutamic acid'
3 non-polymer 'ZINC ION'
4 water water
#
_entity_poly.entity_id   1
_entity_poly.type   'polypeptide(L)'
_entity_poly.pdbx_seq_one_letter_code
;MQNAEKLDFKITGGWIIDGTGAPRRRADLGVRDGRIAAIGELGAHPARHAWDASGKIVAPGFIDVHGHDDLMFVEKPDLR
WKTSQGITTVVVGNCGVSAAPAPLPGNTAAALALLGETPLFADVPAYFAALDAQRPMINVAALVGHANLRLAAMRDPQAA
PTAAEQQAMQDMLQAALEAGAVGFSTGLAYQPGAVAQAAELEGLARVAAERRRLHTSHIRNEADGVEAAVEEVLAIGRGT
GCATVVSHHKCMMPQNWGRSRATLANIDRAREQGVEVALDIYPYPGSSTILIPERAETIDDIRITWSTPHPECSGEYLAD
IAARWGCDKTTAARRLAPAGAIYFAMDEDEVKRIFQHPCCMVGSDGLPNDARPHPRLWGSFTRVLGRYVREARLMTLEQA
VARMTALPARVFGFAERGVLQPGAWADVVVFDPDTVADRATWDEPTLASVGIAGVLVNGAEVFPQPPADGRPGQVLRAGA
;
_entity_poly.pdbx_strand_id   A,B
#
# COMPACT_ATOMS: atom_id res chain seq x y z
N GLU A 5 41.23 -16.15 3.57
CA GLU A 5 40.54 -17.08 2.62
C GLU A 5 39.48 -16.37 1.80
N LYS A 6 39.26 -16.85 0.59
CA LYS A 6 38.28 -16.26 -0.31
C LYS A 6 36.86 -16.48 0.21
N LEU A 7 36.03 -15.44 0.10
CA LEU A 7 34.64 -15.50 0.53
C LEU A 7 33.82 -16.20 -0.54
N ASP A 8 32.78 -16.93 -0.11
CA ASP A 8 31.92 -17.61 -1.05
C ASP A 8 30.96 -16.62 -1.67
N PHE A 9 30.63 -15.58 -0.89
CA PHE A 9 29.69 -14.57 -1.33
C PHE A 9 29.95 -13.25 -0.61
N LYS A 10 29.67 -12.14 -1.30
CA LYS A 10 29.81 -10.83 -0.69
C LYS A 10 28.73 -9.92 -1.27
N ILE A 11 28.12 -9.13 -0.40
CA ILE A 11 27.06 -8.21 -0.76
C ILE A 11 27.56 -6.83 -0.37
N THR A 12 27.91 -6.03 -1.37
CA THR A 12 28.49 -4.71 -1.15
C THR A 12 27.66 -3.50 -1.55
N GLY A 13 28.03 -2.36 -0.98
CA GLY A 13 27.39 -1.10 -1.29
C GLY A 13 26.04 -0.79 -0.66
N GLY A 14 25.47 -1.73 0.08
CA GLY A 14 24.17 -1.49 0.68
C GLY A 14 24.18 -1.09 2.14
N TRP A 15 22.99 -0.91 2.69
CA TRP A 15 22.84 -0.54 4.09
C TRP A 15 22.33 -1.74 4.87
N ILE A 16 23.04 -2.07 5.94
CA ILE A 16 22.67 -3.21 6.74
C ILE A 16 21.70 -2.88 7.87
N ILE A 17 20.64 -3.67 7.96
CA ILE A 17 19.65 -3.58 9.03
C ILE A 17 19.76 -5.01 9.56
N ASP A 18 20.56 -5.17 10.60
CA ASP A 18 20.86 -6.48 11.19
C ASP A 18 19.84 -7.18 12.06
N GLY A 19 18.66 -6.58 12.24
CA GLY A 19 17.64 -7.23 13.06
C GLY A 19 17.64 -6.88 14.54
N THR A 20 18.66 -6.19 15.02
CA THR A 20 18.76 -5.80 16.42
C THR A 20 17.92 -4.58 16.75
N GLY A 21 17.49 -3.87 15.71
CA GLY A 21 16.72 -2.66 15.92
C GLY A 21 17.62 -1.44 15.84
N ALA A 22 18.92 -1.68 15.72
CA ALA A 22 19.89 -0.58 15.63
C ALA A 22 19.71 0.13 14.30
N PRO A 23 20.00 1.44 14.24
CA PRO A 23 19.85 2.17 12.99
C PRO A 23 20.70 1.57 11.86
N ARG A 24 20.15 1.59 10.65
CA ARG A 24 20.84 1.05 9.49
C ARG A 24 22.22 1.68 9.34
N ARG A 25 23.17 0.91 8.85
CA ARG A 25 24.54 1.40 8.68
C ARG A 25 25.15 0.88 7.38
N ARG A 26 25.92 1.74 6.73
CA ARG A 26 26.59 1.39 5.48
C ARG A 26 27.72 0.39 5.75
N ALA A 27 27.57 -0.82 5.21
CA ALA A 27 28.59 -1.85 5.39
C ALA A 27 28.36 -3.01 4.43
N ASP A 28 29.42 -3.76 4.14
CA ASP A 28 29.32 -4.91 3.25
C ASP A 28 29.18 -6.17 4.11
N LEU A 29 28.67 -7.23 3.50
CA LEU A 29 28.51 -8.49 4.20
C LEU A 29 29.21 -9.60 3.43
N GLY A 30 29.99 -10.40 4.16
CA GLY A 30 30.71 -11.50 3.54
C GLY A 30 30.21 -12.83 4.06
N VAL A 31 30.14 -13.82 3.17
CA VAL A 31 29.66 -15.14 3.53
C VAL A 31 30.70 -16.22 3.22
N ARG A 32 30.82 -17.19 4.11
CA ARG A 32 31.76 -18.29 3.93
C ARG A 32 31.22 -19.55 4.61
N ASP A 33 31.17 -20.64 3.87
CA ASP A 33 30.67 -21.91 4.39
C ASP A 33 29.30 -21.80 5.04
N GLY A 34 28.39 -21.08 4.36
CA GLY A 34 27.04 -20.94 4.85
C GLY A 34 26.80 -19.94 5.97
N ARG A 35 27.86 -19.36 6.52
CA ARG A 35 27.69 -18.41 7.60
C ARG A 35 28.25 -17.03 7.27
N ILE A 36 27.86 -16.04 8.07
CA ILE A 36 28.33 -14.68 7.89
C ILE A 36 29.75 -14.65 8.43
N ALA A 37 30.72 -14.48 7.53
CA ALA A 37 32.13 -14.46 7.91
C ALA A 37 32.59 -13.10 8.43
N ALA A 38 32.03 -12.03 7.89
CA ALA A 38 32.41 -10.70 8.32
C ALA A 38 31.47 -9.62 7.81
N ILE A 39 31.50 -8.47 8.49
CA ILE A 39 30.68 -7.33 8.13
C ILE A 39 31.56 -6.09 8.22
N GLY A 40 31.63 -5.34 7.12
CA GLY A 40 32.44 -4.14 7.10
C GLY A 40 32.79 -3.76 5.67
N GLU A 41 34.05 -3.41 5.44
CA GLU A 41 34.50 -3.04 4.10
C GLU A 41 35.07 -4.27 3.38
N LEU A 42 34.37 -4.73 2.36
CA LEU A 42 34.82 -5.91 1.61
C LEU A 42 34.92 -5.65 0.11
N GLY A 43 35.02 -4.38 -0.26
CA GLY A 43 35.10 -4.03 -1.66
C GLY A 43 36.25 -4.71 -2.40
N ALA A 44 37.40 -4.80 -1.76
CA ALA A 44 38.58 -5.41 -2.37
C ALA A 44 38.79 -6.86 -1.97
N HIS A 45 37.84 -7.46 -1.26
CA HIS A 45 37.97 -8.85 -0.84
C HIS A 45 37.48 -9.80 -1.93
N PRO A 46 38.31 -10.79 -2.28
CA PRO A 46 37.95 -11.77 -3.31
C PRO A 46 36.74 -12.60 -2.87
N ALA A 47 35.84 -12.86 -3.81
CA ALA A 47 34.65 -13.65 -3.51
C ALA A 47 34.21 -14.42 -4.75
N ARG A 48 33.69 -15.63 -4.54
CA ARG A 48 33.23 -16.46 -5.65
C ARG A 48 32.01 -15.81 -6.29
N HIS A 49 31.16 -15.21 -5.47
CA HIS A 49 29.95 -14.55 -5.95
C HIS A 49 29.81 -13.18 -5.29
N ALA A 50 29.33 -12.20 -6.04
CA ALA A 50 29.17 -10.86 -5.50
C ALA A 50 27.88 -10.20 -5.96
N TRP A 51 27.20 -9.54 -5.03
CA TRP A 51 25.96 -8.82 -5.31
C TRP A 51 26.15 -7.34 -4.99
N ASP A 52 25.69 -6.47 -5.89
CA ASP A 52 25.80 -5.04 -5.67
C ASP A 52 24.50 -4.58 -5.02
N ALA A 53 24.55 -4.28 -3.72
CA ALA A 53 23.37 -3.85 -2.99
C ALA A 53 23.26 -2.33 -2.85
N SER A 54 23.92 -1.61 -3.75
CA SER A 54 23.86 -0.15 -3.71
C SER A 54 22.40 0.30 -3.76
N GLY A 55 22.03 1.19 -2.84
CA GLY A 55 20.67 1.68 -2.80
C GLY A 55 19.67 0.70 -2.21
N LYS A 56 20.16 -0.37 -1.61
CA LYS A 56 19.26 -1.36 -1.04
C LYS A 56 19.59 -1.65 0.43
N ILE A 57 18.71 -2.39 1.08
CA ILE A 57 18.87 -2.78 2.46
C ILE A 57 19.28 -4.25 2.48
N VAL A 58 20.23 -4.60 3.33
CA VAL A 58 20.68 -5.98 3.48
C VAL A 58 20.22 -6.36 4.88
N ALA A 59 19.34 -7.34 4.96
CA ALA A 59 18.79 -7.75 6.25
C ALA A 59 18.75 -9.25 6.43
N PRO A 60 18.41 -9.72 7.66
CA PRO A 60 18.35 -11.17 7.86
C PRO A 60 17.13 -11.66 7.10
N GLY A 61 17.19 -12.88 6.57
CA GLY A 61 16.05 -13.43 5.86
C GLY A 61 14.86 -13.42 6.80
N PHE A 62 13.66 -13.23 6.26
CA PHE A 62 12.48 -13.18 7.12
C PHE A 62 12.04 -14.56 7.61
N ILE A 63 11.55 -14.60 8.83
CA ILE A 63 11.09 -15.85 9.43
C ILE A 63 9.57 -15.84 9.54
N ASP A 64 8.92 -16.69 8.73
CA ASP A 64 7.48 -16.79 8.71
C ASP A 64 7.04 -17.73 9.82
N VAL A 65 6.60 -17.16 10.93
CA VAL A 65 6.21 -17.96 12.08
C VAL A 65 4.86 -18.65 11.99
N HIS A 66 4.10 -18.35 10.95
CA HIS A 66 2.81 -19.02 10.81
C HIS A 66 2.61 -19.62 9.43
N GLY A 67 3.28 -20.73 9.18
CA GLY A 67 3.15 -21.39 7.89
C GLY A 67 2.30 -22.66 7.98
N HIS A 68 1.75 -23.04 6.83
CA HIS A 68 0.95 -24.26 6.72
C HIS A 68 1.50 -25.01 5.51
N ASP A 69 2.79 -24.84 5.28
CA ASP A 69 3.49 -25.46 4.14
C ASP A 69 4.06 -26.84 4.46
N ASP A 70 3.57 -27.45 5.54
CA ASP A 70 4.06 -28.77 5.99
C ASP A 70 4.38 -29.79 4.89
N LEU A 71 3.45 -29.95 3.95
CA LEU A 71 3.59 -30.94 2.88
C LEU A 71 4.10 -30.40 1.56
N MET A 72 4.30 -29.09 1.47
CA MET A 72 4.76 -28.48 0.23
C MET A 72 6.21 -28.79 -0.13
N PHE A 73 7.02 -29.16 0.85
CA PHE A 73 8.42 -29.46 0.57
C PHE A 73 8.52 -30.67 -0.36
N VAL A 74 7.46 -31.46 -0.42
CA VAL A 74 7.43 -32.62 -1.31
C VAL A 74 6.42 -32.37 -2.45
N GLU A 75 5.32 -31.72 -2.15
CA GLU A 75 4.28 -31.44 -3.16
C GLU A 75 4.63 -30.36 -4.18
N LYS A 76 5.18 -29.24 -3.71
CA LYS A 76 5.57 -28.11 -4.56
C LYS A 76 6.83 -27.53 -3.95
N PRO A 77 7.96 -28.24 -4.13
CA PRO A 77 9.28 -27.84 -3.60
C PRO A 77 9.87 -26.47 -3.92
N ASP A 78 9.36 -25.77 -4.93
CA ASP A 78 9.92 -24.47 -5.26
C ASP A 78 9.75 -23.43 -4.15
N LEU A 79 8.65 -23.52 -3.42
CA LEU A 79 8.36 -22.59 -2.33
C LEU A 79 8.57 -21.14 -2.77
N ARG A 80 8.30 -20.86 -4.05
CA ARG A 80 8.50 -19.52 -4.59
C ARG A 80 7.65 -18.46 -3.89
N TRP A 81 6.51 -18.85 -3.32
CA TRP A 81 5.66 -17.90 -2.63
C TRP A 81 6.35 -17.37 -1.37
N LYS A 82 7.35 -18.11 -0.89
CA LYS A 82 8.11 -17.69 0.28
C LYS A 82 9.31 -16.84 -0.10
N THR A 83 10.18 -17.40 -0.93
CA THR A 83 11.40 -16.70 -1.35
C THR A 83 11.15 -15.36 -2.04
N SER A 84 10.10 -15.29 -2.85
CA SER A 84 9.77 -14.07 -3.58
C SER A 84 9.37 -12.92 -2.67
N GLN A 85 9.12 -13.21 -1.39
CA GLN A 85 8.77 -12.15 -0.45
C GLN A 85 9.82 -12.03 0.66
N GLY A 86 10.99 -12.64 0.42
CA GLY A 86 12.08 -12.55 1.37
C GLY A 86 12.16 -13.53 2.52
N ILE A 87 11.28 -14.54 2.53
CA ILE A 87 11.26 -15.51 3.60
C ILE A 87 12.34 -16.59 3.43
N THR A 88 13.11 -16.83 4.50
CA THR A 88 14.18 -17.82 4.47
C THR A 88 13.95 -18.96 5.47
N THR A 89 12.98 -18.78 6.36
CA THR A 89 12.65 -19.79 7.35
C THR A 89 11.15 -19.79 7.59
N VAL A 90 10.56 -20.97 7.73
CA VAL A 90 9.14 -21.05 8.00
C VAL A 90 8.87 -22.04 9.12
N VAL A 91 7.92 -21.69 9.98
CA VAL A 91 7.53 -22.57 11.08
C VAL A 91 6.21 -23.17 10.65
N VAL A 92 6.20 -24.49 10.43
CA VAL A 92 4.99 -25.17 10.00
C VAL A 92 4.32 -25.92 11.15
N GLY A 93 3.18 -26.55 10.87
CA GLY A 93 2.46 -27.31 11.89
C GLY A 93 1.61 -26.46 12.82
N ASN A 94 1.03 -25.40 12.28
CA ASN A 94 0.22 -24.47 13.07
C ASN A 94 -1.27 -24.80 13.18
N CYS A 95 -1.94 -24.12 14.11
CA CYS A 95 -3.37 -24.27 14.33
C CYS A 95 -3.88 -25.68 14.60
N GLY A 96 -3.05 -26.49 15.25
CA GLY A 96 -3.44 -27.85 15.58
C GLY A 96 -3.22 -28.90 14.51
N VAL A 97 -2.82 -28.49 13.31
CA VAL A 97 -2.60 -29.45 12.23
C VAL A 97 -1.16 -29.46 11.73
N SER A 98 -0.59 -30.67 11.65
CA SER A 98 0.79 -30.83 11.22
C SER A 98 1.01 -32.05 10.32
N ALA A 99 2.23 -32.17 9.81
CA ALA A 99 2.60 -33.27 8.92
C ALA A 99 2.65 -34.60 9.68
N ALA A 100 2.91 -34.53 10.98
CA ALA A 100 3.00 -35.72 11.82
C ALA A 100 2.58 -35.38 13.26
N PRO A 101 2.16 -36.39 14.04
CA PRO A 101 2.04 -37.81 13.68
C PRO A 101 0.78 -38.06 12.85
N ALA A 102 0.74 -39.20 12.17
CA ALA A 102 -0.40 -39.55 11.34
C ALA A 102 -1.61 -39.96 12.16
N PRO A 103 -2.80 -39.52 11.75
CA PRO A 103 -4.03 -39.87 12.46
C PRO A 103 -4.26 -41.38 12.36
N LEU A 104 -5.10 -41.90 13.24
CA LEU A 104 -5.44 -43.32 13.21
C LEU A 104 -6.26 -43.49 11.93
N PRO A 105 -6.18 -44.68 11.30
CA PRO A 105 -6.95 -44.92 10.09
C PRO A 105 -8.43 -44.61 10.31
N GLY A 106 -9.00 -43.77 9.46
CA GLY A 106 -10.41 -43.43 9.61
C GLY A 106 -10.64 -42.13 10.35
N ASN A 107 -9.65 -41.69 11.11
CA ASN A 107 -9.78 -40.43 11.85
C ASN A 107 -9.38 -39.29 10.93
N THR A 108 -10.21 -38.26 10.87
CA THR A 108 -9.95 -37.13 10.01
C THR A 108 -10.40 -35.81 10.64
N ALA A 109 -10.04 -34.71 9.99
CA ALA A 109 -10.41 -33.37 10.44
C ALA A 109 -10.40 -32.46 9.22
N ALA A 110 -11.44 -31.65 9.07
CA ALA A 110 -11.54 -30.74 7.93
C ALA A 110 -10.30 -29.86 7.77
N ALA A 111 -9.81 -29.33 8.87
CA ALA A 111 -8.63 -28.46 8.85
C ALA A 111 -7.37 -29.12 8.29
N LEU A 112 -7.27 -30.43 8.40
CA LEU A 112 -6.11 -31.15 7.88
C LEU A 112 -5.99 -31.06 6.37
N ALA A 113 -7.14 -31.02 5.69
CA ALA A 113 -7.15 -30.94 4.23
C ALA A 113 -6.38 -29.74 3.71
N LEU A 114 -6.33 -28.67 4.50
CA LEU A 114 -5.63 -27.46 4.08
C LEU A 114 -4.13 -27.66 3.86
N LEU A 115 -3.57 -28.70 4.46
CA LEU A 115 -2.14 -28.97 4.31
C LEU A 115 -1.82 -29.60 2.96
N GLY A 116 -2.79 -30.31 2.40
CA GLY A 116 -2.57 -30.95 1.11
C GLY A 116 -3.02 -32.40 1.14
N GLU A 117 -2.85 -33.09 0.02
CA GLU A 117 -3.26 -34.49 -0.10
C GLU A 117 -2.19 -35.53 0.17
N THR A 118 -0.95 -35.11 0.37
CA THR A 118 0.11 -36.07 0.66
C THR A 118 -0.17 -36.82 1.96
N PRO A 119 -0.05 -38.17 1.93
CA PRO A 119 -0.31 -38.94 3.15
C PRO A 119 0.57 -38.41 4.28
N LEU A 120 -0.02 -38.23 5.46
CA LEU A 120 0.72 -37.72 6.60
C LEU A 120 1.81 -38.68 7.07
N PHE A 121 2.82 -38.13 7.73
CA PHE A 121 3.95 -38.92 8.22
C PHE A 121 3.69 -39.60 9.56
N ALA A 122 4.33 -40.75 9.76
CA ALA A 122 4.17 -41.53 10.98
C ALA A 122 4.45 -40.72 12.25
N ASP A 123 5.59 -40.05 12.27
CA ASP A 123 6.00 -39.26 13.41
C ASP A 123 6.99 -38.20 12.95
N VAL A 124 7.44 -37.36 13.87
CA VAL A 124 8.38 -36.31 13.53
C VAL A 124 9.68 -36.84 12.93
N PRO A 125 10.25 -37.91 13.52
CA PRO A 125 11.50 -38.40 12.93
C PRO A 125 11.34 -38.77 11.46
N ALA A 126 10.20 -39.36 11.10
CA ALA A 126 9.94 -39.74 9.72
C ALA A 126 9.83 -38.50 8.84
N TYR A 127 9.16 -37.48 9.36
CA TYR A 127 8.98 -36.24 8.61
C TYR A 127 10.33 -35.57 8.39
N PHE A 128 11.12 -35.45 9.44
CA PHE A 128 12.44 -34.82 9.34
C PHE A 128 13.41 -35.64 8.47
N ALA A 129 13.22 -36.95 8.44
CA ALA A 129 14.07 -37.81 7.62
C ALA A 129 13.77 -37.52 6.16
N ALA A 130 12.50 -37.29 5.85
CA ALA A 130 12.08 -37.00 4.48
C ALA A 130 12.64 -35.65 4.04
N LEU A 131 12.66 -34.70 4.97
CA LEU A 131 13.18 -33.36 4.68
C LEU A 131 14.70 -33.41 4.51
N ASP A 132 15.36 -34.26 5.30
CA ASP A 132 16.82 -34.39 5.19
C ASP A 132 17.19 -34.99 3.84
N ALA A 133 16.35 -35.91 3.35
CA ALA A 133 16.61 -36.58 2.07
C ALA A 133 16.26 -35.73 0.86
N GLN A 134 15.28 -34.84 1.03
CA GLN A 134 14.86 -33.96 -0.05
C GLN A 134 14.83 -32.55 0.56
N ARG A 135 16.01 -31.98 0.73
CA ARG A 135 16.18 -30.67 1.36
C ARG A 135 15.22 -29.60 0.85
N PRO A 136 14.63 -28.84 1.80
CA PRO A 136 13.68 -27.77 1.47
C PRO A 136 14.38 -26.54 0.93
N MET A 137 13.65 -25.74 0.16
CA MET A 137 14.19 -24.53 -0.43
C MET A 137 14.59 -23.53 0.65
N ILE A 138 13.84 -23.52 1.74
CA ILE A 138 14.12 -22.64 2.87
C ILE A 138 14.21 -23.46 4.15
N ASN A 139 14.65 -22.85 5.24
CA ASN A 139 14.75 -23.56 6.51
C ASN A 139 13.37 -23.90 7.03
N VAL A 140 13.25 -25.04 7.69
CA VAL A 140 11.97 -25.46 8.22
C VAL A 140 12.01 -25.88 9.69
N ALA A 141 11.13 -25.26 10.47
CA ALA A 141 10.99 -25.58 11.89
C ALA A 141 9.58 -26.15 11.98
N ALA A 142 9.36 -27.14 12.84
CA ALA A 142 8.04 -27.74 12.93
C ALA A 142 7.43 -27.89 14.31
N LEU A 143 6.14 -27.61 14.38
CA LEU A 143 5.36 -27.74 15.61
C LEU A 143 4.52 -28.99 15.39
N VAL A 144 4.12 -29.66 16.48
CA VAL A 144 3.27 -30.83 16.32
C VAL A 144 1.85 -30.38 16.64
N GLY A 145 0.91 -30.75 15.79
CA GLY A 145 -0.47 -30.35 15.99
C GLY A 145 -1.28 -31.15 16.99
N HIS A 146 -1.98 -30.43 17.86
CA HIS A 146 -2.83 -31.06 18.88
C HIS A 146 -3.91 -31.91 18.21
N ALA A 147 -4.38 -31.47 17.04
CA ALA A 147 -5.40 -32.24 16.33
C ALA A 147 -4.78 -33.59 15.96
N ASN A 148 -3.55 -33.57 15.44
CA ASN A 148 -2.86 -34.81 15.07
C ASN A 148 -2.71 -35.71 16.29
N LEU A 149 -2.33 -35.12 17.42
CA LEU A 149 -2.17 -35.89 18.65
C LEU A 149 -3.47 -36.59 19.04
N ARG A 150 -4.58 -35.85 19.03
CA ARG A 150 -5.87 -36.44 19.37
C ARG A 150 -6.26 -37.52 18.37
N LEU A 151 -6.11 -37.22 17.08
CA LEU A 151 -6.49 -38.17 16.04
C LEU A 151 -5.63 -39.43 16.04
N ALA A 152 -4.41 -39.31 16.57
CA ALA A 152 -3.49 -40.44 16.62
C ALA A 152 -3.64 -41.28 17.88
N ALA A 153 -4.12 -40.67 18.95
CA ALA A 153 -4.27 -41.36 20.23
C ALA A 153 -5.67 -41.80 20.62
N MET A 154 -6.69 -41.23 19.98
CA MET A 154 -8.07 -41.55 20.36
C MET A 154 -8.92 -42.21 19.29
N ARG A 155 -9.41 -43.42 19.57
CA ARG A 155 -10.26 -44.12 18.62
C ARG A 155 -11.53 -43.31 18.38
N ASP A 156 -11.89 -42.49 19.37
CA ASP A 156 -13.04 -41.59 19.25
C ASP A 156 -12.53 -40.21 19.64
N PRO A 157 -11.98 -39.47 18.66
CA PRO A 157 -11.43 -38.13 18.89
C PRO A 157 -12.43 -37.04 19.28
N GLN A 158 -13.68 -37.41 19.44
CA GLN A 158 -14.70 -36.44 19.83
C GLN A 158 -15.09 -36.61 21.29
N ALA A 159 -14.41 -37.52 21.97
CA ALA A 159 -14.71 -37.79 23.37
C ALA A 159 -13.67 -37.17 24.30
N ALA A 160 -13.91 -37.29 25.60
CA ALA A 160 -12.97 -36.78 26.59
C ALA A 160 -11.94 -37.90 26.67
N PRO A 161 -10.65 -37.55 26.81
CA PRO A 161 -9.61 -38.57 26.89
C PRO A 161 -9.55 -39.34 28.19
N THR A 162 -9.22 -40.62 28.09
CA THR A 162 -9.06 -41.43 29.29
C THR A 162 -7.69 -41.04 29.80
N ALA A 163 -7.35 -41.44 31.02
CA ALA A 163 -6.04 -41.10 31.57
C ALA A 163 -4.95 -41.64 30.66
N ALA A 164 -5.17 -42.83 30.11
CA ALA A 164 -4.20 -43.45 29.23
C ALA A 164 -4.06 -42.70 27.91
N GLU A 165 -5.17 -42.20 27.38
CA GLU A 165 -5.12 -41.46 26.12
C GLU A 165 -4.42 -40.12 26.33
N GLN A 166 -4.64 -39.52 27.50
CA GLN A 166 -4.00 -38.26 27.81
C GLN A 166 -2.49 -38.48 27.86
N GLN A 167 -2.07 -39.55 28.53
CA GLN A 167 -0.66 -39.85 28.65
C GLN A 167 -0.06 -40.18 27.28
N ALA A 168 -0.85 -40.83 26.44
CA ALA A 168 -0.39 -41.19 25.10
C ALA A 168 -0.08 -39.91 24.31
N MET A 169 -0.97 -38.93 24.38
CA MET A 169 -0.76 -37.67 23.66
C MET A 169 0.48 -36.96 24.20
N GLN A 170 0.68 -37.02 25.52
CA GLN A 170 1.84 -36.39 26.13
C GLN A 170 3.11 -37.11 25.71
N ASP A 171 3.06 -38.43 25.63
CA ASP A 171 4.22 -39.20 25.22
C ASP A 171 4.56 -38.92 23.75
N MET A 172 3.52 -38.76 22.93
CA MET A 172 3.72 -38.47 21.52
C MET A 172 4.36 -37.08 21.39
N LEU A 173 3.92 -36.15 22.23
CA LEU A 173 4.47 -34.80 22.22
C LEU A 173 5.92 -34.85 22.66
N GLN A 174 6.20 -35.60 23.73
CA GLN A 174 7.56 -35.71 24.23
C GLN A 174 8.49 -36.23 23.13
N ALA A 175 8.04 -37.27 22.43
CA ALA A 175 8.84 -37.85 21.35
C ALA A 175 9.09 -36.82 20.26
N ALA A 176 8.05 -36.08 19.88
CA ALA A 176 8.17 -35.06 18.84
C ALA A 176 9.19 -33.99 19.24
N LEU A 177 9.13 -33.57 20.50
CA LEU A 177 10.05 -32.55 21.00
C LEU A 177 11.48 -33.08 21.03
N GLU A 178 11.64 -34.35 21.40
CA GLU A 178 12.97 -34.94 21.44
C GLU A 178 13.54 -35.05 20.02
N ALA A 179 12.65 -35.19 19.05
CA ALA A 179 13.03 -35.31 17.64
C ALA A 179 13.40 -33.97 17.04
N GLY A 180 13.06 -32.88 17.72
CA GLY A 180 13.40 -31.57 17.21
C GLY A 180 12.26 -30.57 17.02
N ALA A 181 11.03 -30.98 17.32
CA ALA A 181 9.88 -30.07 17.18
C ALA A 181 10.07 -28.88 18.12
N VAL A 182 9.63 -27.70 17.69
CA VAL A 182 9.77 -26.50 18.52
C VAL A 182 8.64 -26.33 19.53
N GLY A 183 7.64 -27.18 19.46
CA GLY A 183 6.52 -27.10 20.38
C GLY A 183 5.29 -27.75 19.79
N PHE A 184 4.12 -27.44 20.32
CA PHE A 184 2.88 -27.98 19.80
C PHE A 184 1.91 -26.84 19.55
N SER A 185 0.99 -27.03 18.61
CA SER A 185 0.01 -26.00 18.31
C SER A 185 -1.39 -26.51 18.60
N THR A 186 -2.32 -25.60 18.88
CA THR A 186 -3.70 -25.98 19.13
C THR A 186 -4.63 -25.24 18.17
N GLY A 187 -5.76 -25.87 17.86
CA GLY A 187 -6.76 -25.29 16.99
C GLY A 187 -8.06 -25.44 17.75
N LEU A 188 -8.21 -24.65 18.81
CA LEU A 188 -9.37 -24.72 19.68
C LEU A 188 -10.69 -24.30 19.08
N ALA A 189 -10.65 -23.64 17.92
CA ALA A 189 -11.88 -23.21 17.27
C ALA A 189 -12.34 -24.28 16.28
N TYR A 190 -11.54 -25.35 16.16
CA TYR A 190 -11.83 -26.45 15.24
C TYR A 190 -11.97 -27.80 15.94
N GLN A 191 -12.59 -28.75 15.26
CA GLN A 191 -12.71 -30.11 15.79
C GLN A 191 -11.40 -30.77 15.34
N PRO A 192 -10.84 -31.68 16.13
CA PRO A 192 -11.32 -32.19 17.43
C PRO A 192 -10.82 -31.40 18.64
N GLY A 193 -9.86 -30.50 18.40
CA GLY A 193 -9.29 -29.72 19.49
C GLY A 193 -10.29 -29.00 20.39
N ALA A 194 -11.40 -28.54 19.80
CA ALA A 194 -12.42 -27.84 20.56
C ALA A 194 -12.98 -28.66 21.72
N VAL A 195 -12.87 -29.98 21.63
CA VAL A 195 -13.38 -30.88 22.66
C VAL A 195 -12.52 -30.85 23.92
N ALA A 196 -11.26 -30.50 23.75
CA ALA A 196 -10.31 -30.48 24.86
C ALA A 196 -10.67 -29.50 25.99
N GLN A 197 -10.45 -29.94 27.22
CA GLN A 197 -10.70 -29.12 28.40
C GLN A 197 -9.35 -28.70 28.96
N ALA A 198 -9.36 -27.81 29.95
CA ALA A 198 -8.13 -27.31 30.56
C ALA A 198 -7.10 -28.37 30.94
N ALA A 199 -7.53 -29.42 31.64
CA ALA A 199 -6.61 -30.47 32.06
C ALA A 199 -5.81 -31.07 30.91
N GLU A 200 -6.49 -31.33 29.79
CA GLU A 200 -5.84 -31.90 28.62
C GLU A 200 -4.78 -30.96 28.05
N LEU A 201 -5.14 -29.69 27.90
CA LEU A 201 -4.21 -28.70 27.35
C LEU A 201 -3.05 -28.40 28.30
N GLU A 202 -3.34 -28.34 29.60
CA GLU A 202 -2.31 -28.06 30.60
C GLU A 202 -1.32 -29.22 30.67
N GLY A 203 -1.81 -30.44 30.47
CA GLY A 203 -0.95 -31.60 30.51
C GLY A 203 0.10 -31.52 29.42
N LEU A 204 -0.34 -31.13 28.22
CA LEU A 204 0.57 -31.01 27.09
C LEU A 204 1.50 -29.81 27.29
N ALA A 205 0.96 -28.74 27.87
CA ALA A 205 1.74 -27.54 28.12
C ALA A 205 2.87 -27.83 29.11
N ARG A 206 2.63 -28.72 30.08
CA ARG A 206 3.66 -29.05 31.06
C ARG A 206 4.84 -29.75 30.37
N VAL A 207 4.55 -30.64 29.42
CA VAL A 207 5.59 -31.36 28.70
C VAL A 207 6.46 -30.38 27.92
N ALA A 208 5.81 -29.45 27.22
CA ALA A 208 6.55 -28.45 26.43
C ALA A 208 7.36 -27.54 27.34
N ALA A 209 6.74 -27.07 28.42
CA ALA A 209 7.42 -26.17 29.35
C ALA A 209 8.68 -26.81 29.93
N GLU A 210 8.60 -28.09 30.27
CA GLU A 210 9.74 -28.80 30.85
C GLU A 210 10.95 -28.77 29.94
N ARG A 211 10.70 -28.74 28.63
CA ARG A 211 11.78 -28.72 27.65
C ARG A 211 11.96 -27.34 27.02
N ARG A 212 11.36 -26.34 27.64
CA ARG A 212 11.46 -24.97 27.15
C ARG A 212 11.01 -24.89 25.70
N ARG A 213 9.86 -25.49 25.41
CA ARG A 213 9.30 -25.47 24.06
C ARG A 213 8.00 -24.67 24.07
N LEU A 214 7.44 -24.45 22.89
CA LEU A 214 6.24 -23.64 22.76
C LEU A 214 4.87 -24.29 22.66
N HIS A 215 3.87 -23.44 22.90
CA HIS A 215 2.47 -23.78 22.74
C HIS A 215 2.00 -22.61 21.89
N THR A 216 1.74 -22.85 20.61
CA THR A 216 1.25 -21.77 19.76
C THR A 216 -0.23 -22.10 19.63
N SER A 217 -1.08 -21.10 19.70
CA SER A 217 -2.50 -21.38 19.66
C SER A 217 -3.42 -20.56 18.80
N HIS A 218 -4.32 -21.27 18.13
CA HIS A 218 -5.39 -20.65 17.37
C HIS A 218 -6.42 -20.80 18.49
N ILE A 219 -6.72 -19.70 19.16
CA ILE A 219 -7.62 -19.74 20.30
C ILE A 219 -9.05 -20.21 20.03
N ARG A 220 -9.76 -20.52 21.10
CA ARG A 220 -11.12 -21.07 21.01
C ARG A 220 -12.11 -20.28 20.18
N ASN A 221 -12.07 -18.95 20.27
CA ASN A 221 -12.98 -18.12 19.50
C ASN A 221 -12.34 -16.76 19.28
N GLU A 222 -12.48 -16.22 18.07
CA GLU A 222 -11.88 -14.94 17.75
C GLU A 222 -12.92 -13.86 17.44
N ALA A 223 -14.15 -14.09 17.90
CA ALA A 223 -15.24 -13.15 17.70
C ALA A 223 -15.78 -12.72 19.06
N ASP A 224 -17.04 -13.06 19.34
CA ASP A 224 -17.67 -12.68 20.61
C ASP A 224 -16.93 -13.17 21.85
N GLY A 225 -16.30 -14.33 21.76
CA GLY A 225 -15.58 -14.86 22.90
C GLY A 225 -14.07 -14.70 22.83
N VAL A 226 -13.60 -13.72 22.06
CA VAL A 226 -12.16 -13.52 21.92
C VAL A 226 -11.42 -13.22 23.21
N GLU A 227 -12.00 -12.38 24.08
CA GLU A 227 -11.32 -12.06 25.33
C GLU A 227 -11.17 -13.28 26.22
N ALA A 228 -12.24 -14.07 26.35
CA ALA A 228 -12.19 -15.28 27.16
C ALA A 228 -11.22 -16.29 26.55
N ALA A 229 -11.18 -16.33 25.22
CA ALA A 229 -10.29 -17.26 24.51
C ALA A 229 -8.83 -16.93 24.77
N VAL A 230 -8.50 -15.64 24.78
CA VAL A 230 -7.13 -15.23 25.07
C VAL A 230 -6.81 -15.58 26.51
N GLU A 231 -7.75 -15.29 27.41
CA GLU A 231 -7.57 -15.58 28.83
C GLU A 231 -7.33 -17.07 29.05
N GLU A 232 -8.03 -17.91 28.30
CA GLU A 232 -7.87 -19.36 28.44
C GLU A 232 -6.44 -19.83 28.18
N VAL A 233 -5.83 -19.40 27.09
CA VAL A 233 -4.48 -19.83 26.78
C VAL A 233 -3.44 -19.15 27.66
N LEU A 234 -3.75 -17.95 28.15
CA LEU A 234 -2.82 -17.25 29.03
C LEU A 234 -2.82 -17.96 30.38
N ALA A 235 -3.98 -18.45 30.79
CA ALA A 235 -4.12 -19.17 32.05
C ALA A 235 -3.26 -20.43 32.02
N ILE A 236 -3.20 -21.07 30.85
CA ILE A 236 -2.38 -22.27 30.70
C ILE A 236 -0.91 -21.89 30.86
N GLY A 237 -0.50 -20.80 30.23
CA GLY A 237 0.88 -20.36 30.31
C GLY A 237 1.24 -19.96 31.73
N ARG A 238 0.32 -19.28 32.41
CA ARG A 238 0.55 -18.84 33.77
C ARG A 238 0.70 -20.03 34.72
N GLY A 239 -0.18 -21.02 34.59
CA GLY A 239 -0.13 -22.18 35.46
C GLY A 239 0.96 -23.20 35.19
N THR A 240 1.46 -23.25 33.96
CA THR A 240 2.51 -24.22 33.61
C THR A 240 3.84 -23.56 33.28
N GLY A 241 3.81 -22.25 33.02
CA GLY A 241 5.03 -21.54 32.69
C GLY A 241 5.45 -21.76 31.25
N CYS A 242 4.58 -22.39 30.47
CA CYS A 242 4.88 -22.68 29.08
C CYS A 242 4.88 -21.42 28.20
N ALA A 243 5.95 -21.22 27.44
CA ALA A 243 6.06 -20.09 26.54
C ALA A 243 4.87 -20.21 25.59
N THR A 244 4.18 -19.09 25.35
CA THR A 244 2.97 -19.09 24.54
C THR A 244 2.96 -18.09 23.38
N VAL A 245 2.32 -18.48 22.28
CA VAL A 245 2.17 -17.61 21.12
C VAL A 245 0.70 -17.60 20.70
N VAL A 246 0.10 -16.42 20.60
CA VAL A 246 -1.29 -16.31 20.16
C VAL A 246 -1.24 -16.13 18.64
N SER A 247 -1.60 -17.18 17.91
CA SER A 247 -1.57 -17.17 16.46
C SER A 247 -2.58 -16.22 15.83
N HIS A 248 -2.18 -15.65 14.69
CA HIS A 248 -3.01 -14.71 13.93
C HIS A 248 -4.04 -13.99 14.80
N HIS A 249 -3.54 -13.24 15.78
CA HIS A 249 -4.44 -12.52 16.69
C HIS A 249 -5.30 -11.53 15.93
N LYS A 250 -6.58 -11.53 16.24
CA LYS A 250 -7.53 -10.66 15.56
C LYS A 250 -8.83 -10.58 16.34
N CYS A 251 -9.73 -9.71 15.86
CA CYS A 251 -11.06 -9.54 16.46
C CYS A 251 -12.02 -9.55 15.27
N MET A 252 -12.82 -10.61 15.15
CA MET A 252 -13.76 -10.75 14.05
C MET A 252 -15.17 -10.25 14.38
N MET A 253 -15.81 -9.67 13.37
CA MET A 253 -17.17 -9.13 13.45
C MET A 253 -17.18 -7.73 14.05
N PRO A 254 -17.93 -6.80 13.45
CA PRO A 254 -18.03 -5.40 13.89
C PRO A 254 -18.27 -5.20 15.39
N GLN A 255 -19.09 -6.05 16.01
CA GLN A 255 -19.37 -5.91 17.42
C GLN A 255 -18.16 -6.21 18.30
N ASN A 256 -17.11 -6.77 17.72
CA ASN A 256 -15.91 -7.11 18.48
C ASN A 256 -14.70 -6.26 18.12
N TRP A 257 -14.84 -5.39 17.13
CA TRP A 257 -13.73 -4.54 16.73
C TRP A 257 -13.33 -3.64 17.91
N GLY A 258 -12.04 -3.63 18.22
CA GLY A 258 -11.56 -2.80 19.30
C GLY A 258 -11.25 -3.60 20.56
N ARG A 259 -11.69 -4.86 20.61
CA ARG A 259 -11.44 -5.68 21.79
C ARG A 259 -9.96 -6.02 21.97
N SER A 260 -9.13 -5.70 20.98
CA SER A 260 -7.71 -5.98 21.09
C SER A 260 -7.10 -5.15 22.22
N ARG A 261 -7.79 -4.08 22.60
CA ARG A 261 -7.30 -3.24 23.69
C ARG A 261 -7.25 -4.12 24.94
N ALA A 262 -8.33 -4.87 25.15
CA ALA A 262 -8.44 -5.76 26.31
C ALA A 262 -7.55 -7.00 26.21
N THR A 263 -7.54 -7.63 25.04
CA THR A 263 -6.72 -8.84 24.86
C THR A 263 -5.23 -8.56 24.99
N LEU A 264 -4.78 -7.46 24.40
CA LEU A 264 -3.38 -7.09 24.45
C LEU A 264 -2.99 -6.70 25.87
N ALA A 265 -3.94 -6.13 26.61
CA ALA A 265 -3.68 -5.74 27.99
C ALA A 265 -3.49 -6.99 28.84
N ASN A 266 -4.27 -8.02 28.54
CA ASN A 266 -4.18 -9.28 29.28
C ASN A 266 -2.84 -9.92 28.96
N ILE A 267 -2.48 -9.91 27.68
CA ILE A 267 -1.21 -10.46 27.24
C ILE A 267 -0.08 -9.74 27.99
N ASP A 268 -0.21 -8.43 28.12
CA ASP A 268 0.80 -7.65 28.82
C ASP A 268 0.90 -8.05 30.29
N ARG A 269 -0.25 -8.23 30.94
CA ARG A 269 -0.23 -8.64 32.35
C ARG A 269 0.48 -9.98 32.50
N ALA A 270 0.27 -10.87 31.54
CA ALA A 270 0.91 -12.18 31.57
C ALA A 270 2.43 -12.11 31.43
N ARG A 271 2.92 -11.34 30.46
CA ARG A 271 4.36 -11.24 30.27
C ARG A 271 5.02 -10.44 31.39
N GLU A 272 4.26 -9.59 32.05
CA GLU A 272 4.78 -8.81 33.16
C GLU A 272 5.03 -9.75 34.34
N GLN A 273 4.25 -10.83 34.37
CA GLN A 273 4.34 -11.84 35.43
C GLN A 273 5.44 -12.88 35.18
N GLY A 274 6.11 -12.79 34.03
CA GLY A 274 7.18 -13.73 33.74
C GLY A 274 6.90 -14.76 32.67
N VAL A 275 5.66 -14.83 32.18
CA VAL A 275 5.31 -15.78 31.15
C VAL A 275 5.77 -15.26 29.80
N GLU A 276 6.43 -16.09 29.01
CA GLU A 276 6.87 -15.66 27.69
C GLU A 276 5.66 -15.74 26.78
N VAL A 277 5.20 -14.60 26.31
CA VAL A 277 4.05 -14.58 25.42
C VAL A 277 4.31 -13.67 24.23
N ALA A 278 3.95 -14.16 23.05
CA ALA A 278 4.13 -13.37 21.85
C ALA A 278 2.91 -13.64 20.98
N LEU A 279 2.88 -13.03 19.80
CA LEU A 279 1.76 -13.20 18.90
C LEU A 279 2.21 -12.89 17.50
N ASP A 280 1.31 -13.09 16.54
CA ASP A 280 1.63 -12.78 15.15
C ASP A 280 0.36 -12.43 14.40
N ILE A 281 0.54 -11.75 13.27
CA ILE A 281 -0.58 -11.36 12.43
C ILE A 281 -0.12 -11.36 10.98
N TYR A 282 -1.10 -11.37 10.07
CA TYR A 282 -0.83 -11.24 8.65
C TYR A 282 -1.50 -9.87 8.43
N PRO A 283 -0.92 -9.04 7.56
CA PRO A 283 -1.44 -7.69 7.27
C PRO A 283 -2.68 -7.54 6.40
N TYR A 284 -3.77 -8.21 6.77
CA TYR A 284 -5.02 -8.14 6.01
C TYR A 284 -6.24 -8.23 6.94
N PRO A 285 -7.36 -7.61 6.54
CA PRO A 285 -8.61 -7.59 7.31
C PRO A 285 -9.55 -8.74 6.95
N GLY A 286 -9.03 -9.73 6.23
CA GLY A 286 -9.85 -10.87 5.86
C GLY A 286 -9.12 -12.13 6.26
N SER A 287 -9.83 -13.11 6.81
CA SER A 287 -9.19 -14.37 7.21
C SER A 287 -9.43 -15.40 6.12
N SER A 288 -8.93 -16.61 6.33
CA SER A 288 -9.13 -17.69 5.35
C SER A 288 -8.89 -19.04 5.99
N THR A 289 -9.87 -19.93 5.83
CA THR A 289 -9.78 -21.28 6.37
C THR A 289 -10.85 -22.11 5.67
N ILE A 290 -11.31 -23.17 6.32
CA ILE A 290 -12.35 -24.00 5.72
C ILE A 290 -13.67 -23.22 5.64
N LEU A 291 -14.55 -23.61 4.71
CA LEU A 291 -15.84 -22.95 4.57
C LEU A 291 -16.72 -23.45 5.71
N ILE A 292 -17.26 -22.50 6.47
CA ILE A 292 -18.12 -22.80 7.62
C ILE A 292 -19.53 -22.31 7.33
N PRO A 293 -20.45 -23.22 6.99
CA PRO A 293 -21.84 -22.87 6.67
C PRO A 293 -22.53 -21.98 7.70
N GLU A 294 -22.21 -22.17 8.97
CA GLU A 294 -22.82 -21.39 10.04
C GLU A 294 -22.55 -19.90 9.90
N ARG A 295 -21.57 -19.55 9.08
CA ARG A 295 -21.20 -18.14 8.87
C ARG A 295 -21.88 -17.51 7.65
N ALA A 296 -22.56 -18.33 6.86
CA ALA A 296 -23.22 -17.87 5.65
C ALA A 296 -24.19 -16.69 5.81
N GLU A 297 -24.87 -16.63 6.95
CA GLU A 297 -25.83 -15.55 7.17
C GLU A 297 -25.35 -14.42 8.07
N THR A 298 -24.12 -14.51 8.55
CA THR A 298 -23.58 -13.48 9.44
C THR A 298 -22.41 -12.69 8.84
N ILE A 299 -21.81 -13.22 7.78
CA ILE A 299 -20.70 -12.54 7.14
C ILE A 299 -20.93 -12.40 5.64
N ASP A 300 -20.93 -11.17 5.15
CA ASP A 300 -21.12 -10.95 3.72
C ASP A 300 -19.80 -11.08 3.00
N ASP A 301 -19.88 -11.24 1.68
CA ASP A 301 -18.71 -11.36 0.81
C ASP A 301 -17.80 -12.55 1.06
N ILE A 302 -18.38 -13.68 1.47
CA ILE A 302 -17.59 -14.89 1.69
C ILE A 302 -17.14 -15.36 0.30
N ARG A 303 -15.83 -15.38 0.08
CA ARG A 303 -15.29 -15.79 -1.22
C ARG A 303 -14.69 -17.19 -1.14
N ILE A 304 -15.09 -18.05 -2.07
CA ILE A 304 -14.61 -19.42 -2.10
C ILE A 304 -13.16 -19.52 -2.60
N THR A 305 -12.33 -20.25 -1.87
CA THR A 305 -10.93 -20.42 -2.26
C THR A 305 -10.73 -21.76 -2.98
N TRP A 306 -11.60 -22.71 -2.68
CA TRP A 306 -11.57 -24.03 -3.31
C TRP A 306 -12.82 -24.81 -2.92
N SER A 307 -13.16 -25.82 -3.72
CA SER A 307 -14.32 -26.66 -3.46
C SER A 307 -14.12 -27.96 -4.21
N THR A 308 -14.19 -29.08 -3.48
CA THR A 308 -14.00 -30.38 -4.12
C THR A 308 -15.15 -30.74 -5.06
N PRO A 309 -16.40 -30.59 -4.62
CA PRO A 309 -17.51 -30.92 -5.51
C PRO A 309 -17.77 -29.86 -6.59
N HIS A 310 -17.38 -28.63 -6.31
CA HIS A 310 -17.60 -27.53 -7.25
C HIS A 310 -16.37 -26.67 -7.46
N PRO A 311 -15.32 -27.23 -8.08
CA PRO A 311 -14.08 -26.50 -8.33
C PRO A 311 -14.24 -25.28 -9.22
N GLU A 312 -15.36 -25.20 -9.94
CA GLU A 312 -15.61 -24.05 -10.81
C GLU A 312 -15.94 -22.81 -9.98
N CYS A 313 -16.28 -23.01 -8.71
CA CYS A 313 -16.67 -21.91 -7.83
C CYS A 313 -15.54 -21.14 -7.14
N SER A 314 -14.29 -21.58 -7.32
CA SER A 314 -13.17 -20.89 -6.70
C SER A 314 -13.13 -19.44 -7.18
N GLY A 315 -13.02 -18.51 -6.24
CA GLY A 315 -12.98 -17.11 -6.61
C GLY A 315 -14.33 -16.42 -6.60
N GLU A 316 -15.40 -17.20 -6.50
CA GLU A 316 -16.76 -16.66 -6.50
C GLU A 316 -17.27 -16.37 -5.09
N TYR A 317 -18.23 -15.45 -4.99
CA TYR A 317 -18.84 -15.10 -3.71
C TYR A 317 -19.95 -16.11 -3.43
N LEU A 318 -20.07 -16.54 -2.17
CA LEU A 318 -21.10 -17.51 -1.79
C LEU A 318 -22.49 -16.99 -2.19
N ALA A 319 -22.71 -15.70 -2.00
CA ALA A 319 -23.99 -15.08 -2.33
C ALA A 319 -24.34 -15.23 -3.81
N ASP A 320 -23.35 -15.06 -4.68
CA ASP A 320 -23.59 -15.18 -6.11
C ASP A 320 -23.88 -16.62 -6.50
N ILE A 321 -23.20 -17.55 -5.84
CA ILE A 321 -23.39 -18.97 -6.11
C ILE A 321 -24.82 -19.38 -5.70
N ALA A 322 -25.21 -19.01 -4.48
CA ALA A 322 -26.54 -19.33 -3.97
C ALA A 322 -27.63 -18.75 -4.85
N ALA A 323 -27.42 -17.52 -5.31
CA ALA A 323 -28.40 -16.86 -6.16
C ALA A 323 -28.57 -17.63 -7.45
N ARG A 324 -27.44 -18.04 -8.05
CA ARG A 324 -27.46 -18.78 -9.29
C ARG A 324 -28.16 -20.14 -9.13
N TRP A 325 -27.95 -20.79 -7.99
CA TRP A 325 -28.57 -22.09 -7.74
C TRP A 325 -30.01 -21.98 -7.24
N GLY A 326 -30.41 -20.78 -6.84
CA GLY A 326 -31.76 -20.59 -6.33
C GLY A 326 -31.99 -21.18 -4.95
N CYS A 327 -30.97 -21.10 -4.10
CA CYS A 327 -31.08 -21.63 -2.73
C CYS A 327 -30.47 -20.59 -1.79
N ASP A 328 -30.65 -20.77 -0.49
CA ASP A 328 -30.09 -19.83 0.47
C ASP A 328 -28.59 -20.07 0.62
N LYS A 329 -27.87 -19.10 1.14
CA LYS A 329 -26.43 -19.20 1.31
C LYS A 329 -25.94 -20.36 2.16
N THR A 330 -26.70 -20.71 3.20
CA THR A 330 -26.29 -21.81 4.06
C THR A 330 -26.33 -23.12 3.28
N THR A 331 -27.39 -23.30 2.50
CA THR A 331 -27.55 -24.50 1.70
C THR A 331 -26.45 -24.59 0.64
N ALA A 332 -26.11 -23.46 0.03
CA ALA A 332 -25.06 -23.43 -0.98
C ALA A 332 -23.72 -23.82 -0.38
N ALA A 333 -23.45 -23.34 0.83
CA ALA A 333 -22.20 -23.65 1.50
C ALA A 333 -22.09 -25.15 1.80
N ARG A 334 -23.21 -25.76 2.17
CA ARG A 334 -23.22 -27.19 2.46
C ARG A 334 -22.97 -27.98 1.18
N ARG A 335 -23.51 -27.49 0.06
CA ARG A 335 -23.32 -28.17 -1.22
C ARG A 335 -21.90 -28.01 -1.74
N LEU A 336 -21.21 -26.97 -1.29
CA LEU A 336 -19.82 -26.73 -1.72
C LEU A 336 -18.80 -27.54 -0.93
N ALA A 337 -19.22 -28.06 0.22
CA ALA A 337 -18.34 -28.83 1.09
C ALA A 337 -17.85 -30.15 0.50
N PRO A 338 -16.57 -30.49 0.75
CA PRO A 338 -15.61 -29.70 1.53
C PRO A 338 -15.09 -28.54 0.69
N ALA A 339 -14.90 -27.39 1.33
CA ALA A 339 -14.41 -26.21 0.62
C ALA A 339 -13.70 -25.26 1.57
N GLY A 340 -13.12 -24.21 1.01
CA GLY A 340 -12.42 -23.22 1.80
C GLY A 340 -12.94 -21.84 1.42
N ALA A 341 -12.69 -20.84 2.26
CA ALA A 341 -13.16 -19.49 1.97
C ALA A 341 -12.36 -18.39 2.64
N ILE A 342 -12.66 -17.17 2.23
CA ILE A 342 -12.04 -15.97 2.78
C ILE A 342 -13.18 -15.21 3.46
N TYR A 343 -12.92 -14.71 4.67
CA TYR A 343 -13.92 -13.99 5.45
C TYR A 343 -13.45 -12.58 5.77
N PHE A 344 -14.12 -11.58 5.20
CA PHE A 344 -13.77 -10.18 5.45
C PHE A 344 -14.53 -9.73 6.69
N ALA A 345 -13.91 -9.90 7.85
CA ALA A 345 -14.57 -9.58 9.11
C ALA A 345 -13.74 -8.81 10.13
N MET A 346 -12.58 -8.29 9.74
CA MET A 346 -11.76 -7.54 10.67
C MET A 346 -11.64 -6.07 10.29
N ASP A 347 -11.19 -5.26 11.25
CA ASP A 347 -10.97 -3.83 11.09
C ASP A 347 -9.48 -3.67 10.82
N GLU A 348 -9.13 -3.27 9.60
CA GLU A 348 -7.72 -3.11 9.24
C GLU A 348 -6.96 -2.16 10.16
N ASP A 349 -7.65 -1.18 10.74
CA ASP A 349 -6.97 -0.25 11.64
C ASP A 349 -6.56 -1.01 12.90
N GLU A 350 -7.39 -1.97 13.30
CA GLU A 350 -7.10 -2.76 14.48
C GLU A 350 -5.97 -3.76 14.18
N VAL A 351 -5.97 -4.31 12.98
CA VAL A 351 -4.92 -5.25 12.58
C VAL A 351 -3.58 -4.55 12.76
N LYS A 352 -3.52 -3.29 12.34
CA LYS A 352 -2.31 -2.49 12.45
C LYS A 352 -1.92 -2.24 13.90
N ARG A 353 -2.91 -1.97 14.76
CA ARG A 353 -2.60 -1.72 16.18
C ARG A 353 -2.04 -2.99 16.83
N ILE A 354 -2.57 -4.13 16.44
CA ILE A 354 -2.10 -5.40 16.99
C ILE A 354 -0.65 -5.62 16.57
N PHE A 355 -0.36 -5.31 15.30
CA PHE A 355 1.00 -5.48 14.80
C PHE A 355 1.97 -4.58 15.55
N GLN A 356 1.50 -3.42 15.99
CA GLN A 356 2.37 -2.51 16.73
C GLN A 356 2.77 -3.02 18.11
N HIS A 357 2.05 -4.02 18.64
CA HIS A 357 2.41 -4.55 19.94
C HIS A 357 3.86 -5.02 19.89
N PRO A 358 4.66 -4.73 20.92
CA PRO A 358 6.08 -5.12 20.99
C PRO A 358 6.40 -6.59 20.74
N CYS A 359 5.46 -7.48 21.01
CA CYS A 359 5.72 -8.90 20.83
C CYS A 359 5.06 -9.52 19.60
N CYS A 360 4.63 -8.68 18.68
CA CYS A 360 3.97 -9.19 17.48
C CYS A 360 4.92 -9.45 16.32
N MET A 361 4.88 -10.68 15.83
CA MET A 361 5.72 -11.10 14.72
C MET A 361 4.82 -11.17 13.49
N VAL A 362 5.40 -11.46 12.34
CA VAL A 362 4.62 -11.58 11.12
C VAL A 362 4.47 -13.05 10.72
N GLY A 363 3.23 -13.46 10.49
CA GLY A 363 2.94 -14.83 10.09
C GLY A 363 2.04 -14.73 8.89
N SER A 364 2.52 -15.19 7.72
CA SER A 364 1.74 -15.08 6.49
C SER A 364 0.44 -15.88 6.51
N ASP A 365 0.47 -17.05 7.12
CA ASP A 365 -0.69 -17.94 7.20
C ASP A 365 -1.16 -18.30 5.79
N GLY A 366 -0.21 -18.41 4.87
CA GLY A 366 -0.55 -18.78 3.50
C GLY A 366 -1.09 -20.19 3.44
N LEU A 367 -2.07 -20.41 2.57
CA LEU A 367 -2.67 -21.74 2.38
C LEU A 367 -2.30 -22.11 0.95
N PRO A 368 -1.09 -22.66 0.77
CA PRO A 368 -0.50 -23.08 -0.52
C PRO A 368 -1.24 -24.11 -1.36
N ASN A 369 -2.20 -24.82 -0.77
CA ASN A 369 -2.94 -25.85 -1.50
C ASN A 369 -4.22 -25.30 -2.14
N ASP A 370 -4.66 -24.13 -1.68
CA ASP A 370 -5.88 -23.49 -2.18
C ASP A 370 -5.84 -23.16 -3.67
N ALA A 371 -6.95 -23.39 -4.36
CA ALA A 371 -7.05 -23.10 -5.79
C ALA A 371 -6.97 -21.59 -6.06
N ARG A 372 -7.66 -20.82 -5.23
CA ARG A 372 -7.66 -19.36 -5.35
C ARG A 372 -7.44 -18.86 -3.92
N PRO A 373 -6.18 -18.88 -3.47
CA PRO A 373 -5.78 -18.46 -2.13
C PRO A 373 -5.91 -16.99 -1.77
N HIS A 374 -5.85 -16.76 -0.47
CA HIS A 374 -5.88 -15.43 0.10
C HIS A 374 -4.49 -14.90 -0.31
N PRO A 375 -4.40 -13.66 -0.79
CA PRO A 375 -3.12 -13.07 -1.21
C PRO A 375 -1.98 -13.05 -0.20
N ARG A 376 -2.30 -13.22 1.08
CA ARG A 376 -1.28 -13.24 2.13
C ARG A 376 -0.24 -14.31 1.84
N LEU A 377 -0.62 -15.31 1.04
CA LEU A 377 0.27 -16.39 0.68
C LEU A 377 1.52 -15.85 -0.02
N TRP A 378 1.32 -14.83 -0.86
CA TRP A 378 2.40 -14.24 -1.62
C TRP A 378 2.84 -12.83 -1.23
N GLY A 379 2.01 -12.10 -0.48
CA GLY A 379 2.40 -10.73 -0.17
C GLY A 379 2.51 -10.25 1.27
N SER A 380 2.38 -11.13 2.25
CA SER A 380 2.45 -10.71 3.64
C SER A 380 3.64 -9.87 4.08
N PHE A 381 4.86 -10.39 3.94
CA PHE A 381 6.03 -9.65 4.39
C PHE A 381 6.33 -8.37 3.64
N THR A 382 6.13 -8.39 2.32
CA THR A 382 6.38 -7.20 1.53
C THR A 382 5.27 -6.17 1.74
N ARG A 383 4.09 -6.63 2.14
CA ARG A 383 2.99 -5.70 2.40
C ARG A 383 3.32 -4.98 3.69
N VAL A 384 3.94 -5.69 4.63
CA VAL A 384 4.32 -5.05 5.88
C VAL A 384 5.39 -3.99 5.60
N LEU A 385 6.41 -4.37 4.82
CA LEU A 385 7.48 -3.44 4.49
C LEU A 385 7.03 -2.24 3.67
N GLY A 386 6.20 -2.49 2.67
CA GLY A 386 5.74 -1.41 1.80
C GLY A 386 4.56 -0.61 2.30
N ARG A 387 3.53 -1.29 2.80
CA ARG A 387 2.33 -0.60 3.26
C ARG A 387 2.34 -0.20 4.73
N TYR A 388 2.71 -1.12 5.61
CA TYR A 388 2.72 -0.80 7.04
C TYR A 388 3.88 0.11 7.43
N VAL A 389 5.07 -0.14 6.87
CA VAL A 389 6.22 0.68 7.20
C VAL A 389 6.35 1.94 6.34
N ARG A 390 6.58 1.77 5.04
CA ARG A 390 6.76 2.94 4.17
C ARG A 390 5.52 3.83 4.03
N GLU A 391 4.37 3.23 3.77
CA GLU A 391 3.15 4.01 3.59
C GLU A 391 2.50 4.54 4.86
N ALA A 392 2.33 3.69 5.86
CA ALA A 392 1.68 4.08 7.11
C ALA A 392 2.59 4.55 8.24
N ARG A 393 3.89 4.26 8.13
CA ARG A 393 4.85 4.65 9.16
C ARG A 393 4.43 4.13 10.54
N LEU A 394 3.98 2.88 10.60
CA LEU A 394 3.57 2.29 11.88
C LEU A 394 4.77 2.10 12.79
N MET A 395 5.94 1.96 12.19
CA MET A 395 7.20 1.80 12.90
C MET A 395 8.30 1.97 11.85
N THR A 396 9.54 2.04 12.29
CA THR A 396 10.64 2.21 11.36
C THR A 396 10.95 0.90 10.69
N LEU A 397 11.69 0.96 9.59
CA LEU A 397 12.08 -0.24 8.87
C LEU A 397 12.94 -1.09 9.80
N GLU A 398 13.81 -0.46 10.57
CA GLU A 398 14.67 -1.20 11.50
C GLU A 398 13.82 -1.98 12.51
N GLN A 399 12.75 -1.37 13.00
CA GLN A 399 11.87 -2.04 13.95
C GLN A 399 11.10 -3.19 13.29
N ALA A 400 10.59 -2.95 12.08
CA ALA A 400 9.83 -3.97 11.38
C ALA A 400 10.69 -5.19 11.06
N VAL A 401 11.91 -4.95 10.58
CA VAL A 401 12.81 -6.06 10.27
C VAL A 401 13.06 -6.91 11.51
N ALA A 402 13.18 -6.27 12.67
CA ALA A 402 13.40 -7.01 13.92
C ALA A 402 12.22 -7.93 14.21
N ARG A 403 11.02 -7.47 13.93
CA ARG A 403 9.81 -8.26 14.17
C ARG A 403 9.77 -9.50 13.28
N MET A 404 10.43 -9.42 12.13
CA MET A 404 10.46 -10.52 11.16
C MET A 404 11.67 -11.42 11.28
N THR A 405 12.65 -11.02 12.08
CA THR A 405 13.87 -11.79 12.20
C THR A 405 14.29 -12.16 13.61
N ALA A 406 14.86 -11.18 14.33
CA ALA A 406 15.33 -11.41 15.69
C ALA A 406 14.25 -11.85 16.66
N LEU A 407 13.08 -11.21 16.62
CA LEU A 407 12.01 -11.58 17.53
C LEU A 407 11.60 -13.04 17.31
N PRO A 408 11.32 -13.45 16.06
CA PRO A 408 10.94 -14.84 15.84
C PRO A 408 12.02 -15.81 16.36
N ALA A 409 13.28 -15.51 16.06
CA ALA A 409 14.39 -16.36 16.49
C ALA A 409 14.42 -16.48 18.02
N ARG A 410 14.11 -15.40 18.71
CA ARG A 410 14.10 -15.37 20.17
C ARG A 410 12.91 -16.16 20.73
N VAL A 411 11.75 -15.98 20.11
CA VAL A 411 10.54 -16.66 20.55
C VAL A 411 10.61 -18.17 20.32
N PHE A 412 11.10 -18.57 19.15
CA PHE A 412 11.18 -19.98 18.78
C PHE A 412 12.51 -20.65 19.12
N GLY A 413 13.48 -19.87 19.57
CA GLY A 413 14.78 -20.41 19.94
C GLY A 413 15.68 -20.85 18.81
N PHE A 414 15.80 -20.02 17.77
CA PHE A 414 16.66 -20.36 16.64
C PHE A 414 18.04 -19.76 16.82
N ALA A 415 18.98 -20.58 17.29
CA ALA A 415 20.34 -20.12 17.50
C ALA A 415 21.00 -19.78 16.17
N GLU A 416 21.78 -18.71 16.18
CA GLU A 416 22.51 -18.25 15.00
C GLU A 416 21.68 -17.92 13.77
N ARG A 417 20.46 -17.42 13.97
CA ARG A 417 19.59 -17.01 12.87
C ARG A 417 18.79 -15.80 13.32
N GLY A 418 18.22 -15.08 12.35
CA GLY A 418 17.43 -13.90 12.68
C GLY A 418 18.24 -12.64 12.89
N VAL A 419 19.55 -12.72 12.69
CA VAL A 419 20.40 -11.55 12.86
C VAL A 419 21.62 -11.59 11.95
N LEU A 420 22.05 -10.43 11.50
CA LEU A 420 23.22 -10.32 10.65
C LEU A 420 24.40 -10.00 11.56
N GLN A 421 25.13 -11.04 11.96
CA GLN A 421 26.30 -10.89 12.82
C GLN A 421 27.25 -12.03 12.46
N PRO A 422 28.57 -11.81 12.63
CA PRO A 422 29.53 -12.86 12.31
C PRO A 422 29.22 -14.17 13.03
N GLY A 423 29.29 -15.28 12.30
CA GLY A 423 29.04 -16.57 12.91
C GLY A 423 27.63 -17.10 12.71
N ALA A 424 26.68 -16.20 12.46
CA ALA A 424 25.29 -16.61 12.26
C ALA A 424 25.11 -17.19 10.85
N TRP A 425 24.08 -18.01 10.67
CA TRP A 425 23.81 -18.58 9.36
C TRP A 425 23.49 -17.45 8.39
N ALA A 426 23.99 -17.58 7.16
CA ALA A 426 23.77 -16.56 6.16
C ALA A 426 22.42 -16.58 5.46
N ASP A 427 21.34 -16.38 6.23
CA ASP A 427 20.01 -16.28 5.66
C ASP A 427 19.93 -14.78 5.46
N VAL A 428 19.90 -14.33 4.21
CA VAL A 428 19.90 -12.91 3.91
C VAL A 428 18.90 -12.50 2.84
N VAL A 429 18.37 -11.28 2.99
CA VAL A 429 17.46 -10.75 1.99
C VAL A 429 17.93 -9.34 1.65
N VAL A 430 17.97 -9.04 0.36
CA VAL A 430 18.37 -7.71 -0.10
C VAL A 430 17.14 -7.11 -0.76
N PHE A 431 16.74 -5.92 -0.33
CA PHE A 431 15.55 -5.29 -0.91
C PHE A 431 15.65 -3.77 -0.98
N ASP A 432 14.90 -3.20 -1.91
CA ASP A 432 14.86 -1.75 -2.11
C ASP A 432 13.78 -1.22 -1.17
N PRO A 433 14.16 -0.44 -0.15
CA PRO A 433 13.17 0.09 0.79
C PRO A 433 12.11 1.00 0.18
N ASP A 434 12.45 1.68 -0.91
CA ASP A 434 11.49 2.59 -1.55
C ASP A 434 10.50 1.91 -2.49
N THR A 435 10.86 0.75 -3.01
CA THR A 435 9.98 0.05 -3.94
C THR A 435 9.38 -1.26 -3.43
N VAL A 436 9.98 -1.84 -2.40
CA VAL A 436 9.49 -3.11 -1.89
C VAL A 436 7.99 -3.05 -1.62
N ALA A 437 7.25 -4.00 -2.16
CA ALA A 437 5.82 -4.03 -1.98
C ALA A 437 5.18 -5.31 -2.50
N ASP A 438 4.03 -5.66 -1.93
CA ASP A 438 3.28 -6.82 -2.35
C ASP A 438 2.52 -6.44 -3.62
N ARG A 439 2.23 -7.43 -4.46
CA ARG A 439 1.47 -7.18 -5.69
C ARG A 439 0.25 -8.10 -5.72
N ALA A 440 0.25 -9.12 -4.85
CA ALA A 440 -0.87 -10.06 -4.77
C ALA A 440 -2.12 -9.35 -4.31
N THR A 441 -3.21 -9.54 -5.04
CA THR A 441 -4.49 -8.91 -4.70
C THR A 441 -5.54 -9.98 -4.50
N TRP A 442 -6.73 -9.56 -4.06
CA TRP A 442 -7.81 -10.51 -3.85
C TRP A 442 -8.15 -11.25 -5.15
N ASP A 443 -8.14 -10.51 -6.26
CA ASP A 443 -8.44 -11.10 -7.57
C ASP A 443 -7.29 -11.90 -8.15
N GLU A 444 -6.07 -11.40 -7.97
CA GLU A 444 -4.86 -12.08 -8.46
C GLU A 444 -3.95 -12.28 -7.26
N PRO A 445 -4.26 -13.29 -6.43
CA PRO A 445 -3.50 -13.62 -5.21
C PRO A 445 -2.13 -14.26 -5.35
N THR A 446 -1.68 -14.57 -6.55
CA THR A 446 -0.37 -15.19 -6.70
C THR A 446 0.68 -14.30 -7.35
N LEU A 447 0.35 -13.03 -7.56
CA LEU A 447 1.31 -12.11 -8.17
C LEU A 447 2.49 -11.93 -7.20
N ALA A 448 3.71 -12.01 -7.74
CA ALA A 448 4.90 -11.87 -6.91
C ALA A 448 5.22 -10.43 -6.52
N SER A 449 5.89 -10.29 -5.37
CA SER A 449 6.27 -8.98 -4.85
C SER A 449 7.30 -8.32 -5.75
N VAL A 450 7.51 -7.03 -5.52
CA VAL A 450 8.52 -6.27 -6.25
C VAL A 450 9.43 -5.68 -5.17
N GLY A 451 10.66 -5.33 -5.54
CA GLY A 451 11.56 -4.75 -4.57
C GLY A 451 12.48 -5.74 -3.86
N ILE A 452 12.29 -7.04 -4.08
CA ILE A 452 13.15 -8.04 -3.46
C ILE A 452 14.24 -8.32 -4.51
N ALA A 453 15.47 -7.96 -4.20
CA ALA A 453 16.57 -8.13 -5.14
C ALA A 453 17.27 -9.48 -5.09
N GLY A 454 17.39 -10.05 -3.89
CA GLY A 454 18.05 -11.34 -3.77
C GLY A 454 17.81 -11.95 -2.42
N VAL A 455 17.89 -13.28 -2.35
CA VAL A 455 17.69 -13.99 -1.09
C VAL A 455 18.68 -15.13 -0.98
N LEU A 456 19.34 -15.22 0.18
CA LEU A 456 20.29 -16.29 0.44
C LEU A 456 19.74 -17.11 1.59
N VAL A 457 19.85 -18.43 1.47
CA VAL A 457 19.44 -19.36 2.52
C VAL A 457 20.72 -20.13 2.84
N ASN A 458 21.22 -19.94 4.05
CA ASN A 458 22.45 -20.60 4.46
C ASN A 458 23.58 -20.32 3.48
N GLY A 459 23.63 -19.08 3.00
CA GLY A 459 24.67 -18.68 2.09
C GLY A 459 24.49 -19.00 0.61
N ALA A 460 23.43 -19.72 0.27
CA ALA A 460 23.18 -20.08 -1.12
C ALA A 460 21.99 -19.32 -1.70
N GLU A 461 22.14 -18.82 -2.92
CA GLU A 461 21.05 -18.08 -3.57
C GLU A 461 19.85 -18.95 -3.84
N VAL A 462 18.66 -18.45 -3.51
CA VAL A 462 17.42 -19.16 -3.79
C VAL A 462 16.53 -18.24 -4.61
N PHE A 463 16.83 -16.95 -4.56
CA PHE A 463 16.09 -15.93 -5.30
C PHE A 463 17.08 -14.85 -5.77
N PRO A 464 16.93 -14.35 -6.99
CA PRO A 464 15.91 -14.68 -8.00
C PRO A 464 16.08 -16.02 -8.71
N GLN A 465 17.30 -16.55 -8.74
CA GLN A 465 17.55 -17.82 -9.39
C GLN A 465 17.68 -18.96 -8.38
N PRO A 466 16.73 -19.91 -8.40
CA PRO A 466 16.76 -21.04 -7.46
C PRO A 466 17.92 -21.98 -7.82
N PRO A 467 18.36 -22.80 -6.86
CA PRO A 467 19.46 -23.73 -7.13
C PRO A 467 19.06 -24.78 -8.17
N ALA A 468 20.04 -25.22 -8.95
CA ALA A 468 19.79 -26.22 -10.00
C ALA A 468 19.37 -27.57 -9.45
N ASP A 469 20.05 -28.02 -8.39
CA ASP A 469 19.73 -29.32 -7.79
C ASP A 469 19.39 -29.22 -6.31
N GLY A 470 20.28 -29.78 -5.48
CA GLY A 470 20.06 -29.77 -4.04
C GLY A 470 19.79 -28.38 -3.48
N ARG A 471 18.73 -28.27 -2.69
CA ARG A 471 18.34 -27.00 -2.08
C ARG A 471 19.10 -26.81 -0.75
N PRO A 472 19.32 -25.54 -0.36
CA PRO A 472 20.04 -25.13 0.85
C PRO A 472 19.34 -25.13 2.21
N GLY A 473 18.02 -25.30 2.22
CA GLY A 473 17.29 -25.28 3.48
C GLY A 473 17.67 -26.39 4.44
N GLN A 474 17.58 -26.09 5.73
CA GLN A 474 17.90 -27.06 6.78
C GLN A 474 16.71 -27.26 7.70
N VAL A 475 16.61 -28.45 8.28
CA VAL A 475 15.56 -28.73 9.24
C VAL A 475 16.09 -28.13 10.52
N LEU A 476 15.35 -27.21 11.14
CA LEU A 476 15.80 -26.59 12.36
C LEU A 476 15.34 -27.41 13.57
N ARG A 477 16.11 -28.44 13.90
CA ARG A 477 15.80 -29.30 15.04
C ARG A 477 16.09 -28.59 16.35
N ALA A 478 15.07 -28.46 17.18
CA ALA A 478 15.23 -27.79 18.47
C ALA A 478 15.99 -28.70 19.42
N GLU B 5 32.11 25.58 -22.79
CA GLU B 5 32.03 24.44 -21.83
C GLU B 5 31.32 23.24 -22.46
N LYS B 6 31.42 22.09 -21.79
CA LYS B 6 30.79 20.88 -22.28
C LYS B 6 29.39 20.74 -21.71
N LEU B 7 28.42 20.52 -22.59
CA LEU B 7 27.03 20.36 -22.18
C LEU B 7 26.84 19.10 -21.35
N ASP B 8 25.95 19.17 -20.37
CA ASP B 8 25.66 18.02 -19.53
C ASP B 8 24.74 17.10 -20.30
N PHE B 9 23.80 17.70 -21.03
CA PHE B 9 22.83 16.96 -21.82
C PHE B 9 22.57 17.68 -23.14
N LYS B 10 22.19 16.91 -24.15
CA LYS B 10 21.90 17.47 -25.46
C LYS B 10 20.78 16.67 -26.14
N ILE B 11 19.74 17.36 -26.59
CA ILE B 11 18.60 16.73 -27.26
C ILE B 11 18.56 17.28 -28.68
N THR B 12 18.95 16.45 -29.65
CA THR B 12 19.01 16.89 -31.05
C THR B 12 18.03 16.26 -32.03
N GLY B 13 17.89 16.92 -33.18
CA GLY B 13 17.04 16.44 -34.25
C GLY B 13 15.55 16.62 -34.17
N GLY B 14 15.04 17.06 -33.02
CA GLY B 14 13.60 17.22 -32.87
C GLY B 14 13.07 18.63 -33.08
N TRP B 15 11.77 18.78 -32.86
CA TRP B 15 11.12 20.07 -33.01
C TRP B 15 10.79 20.66 -31.64
N ILE B 16 11.24 21.89 -31.43
CA ILE B 16 11.03 22.59 -30.18
C ILE B 16 9.69 23.34 -30.10
N ILE B 17 8.91 23.04 -29.07
CA ILE B 17 7.67 23.74 -28.81
C ILE B 17 8.01 24.27 -27.42
N ASP B 18 8.44 25.52 -27.37
CA ASP B 18 8.88 26.14 -26.13
C ASP B 18 7.85 26.55 -25.09
N GLY B 19 6.57 26.34 -25.37
CA GLY B 19 5.55 26.69 -24.40
C GLY B 19 5.00 28.10 -24.50
N THR B 20 5.66 28.95 -25.30
CA THR B 20 5.23 30.33 -25.46
C THR B 20 4.10 30.50 -26.46
N GLY B 21 3.73 29.41 -27.14
CA GLY B 21 2.66 29.48 -28.12
C GLY B 21 3.23 29.67 -29.51
N ALA B 22 4.53 29.96 -29.60
CA ALA B 22 5.18 30.15 -30.89
C ALA B 22 5.17 28.83 -31.66
N PRO B 23 5.18 28.92 -33.01
CA PRO B 23 5.18 27.71 -33.83
C PRO B 23 6.39 26.83 -33.54
N ARG B 24 6.20 25.52 -33.67
CA ARG B 24 7.29 24.58 -33.42
C ARG B 24 8.43 24.91 -34.37
N ARG B 25 9.67 24.70 -33.94
CA ARG B 25 10.82 24.99 -34.79
C ARG B 25 11.91 23.93 -34.65
N ARG B 26 12.58 23.62 -35.75
CA ARG B 26 13.63 22.62 -35.72
C ARG B 26 14.90 23.18 -35.08
N ALA B 27 15.26 22.62 -33.92
CA ALA B 27 16.44 23.07 -33.21
C ALA B 27 16.81 22.07 -32.11
N ASP B 28 18.06 22.16 -31.65
CA ASP B 28 18.53 21.27 -30.59
C ASP B 28 18.46 22.00 -29.25
N LEU B 29 18.39 21.22 -28.17
CA LEU B 29 18.33 21.78 -26.83
C LEU B 29 19.56 21.34 -26.04
N GLY B 30 20.25 22.31 -25.44
CA GLY B 30 21.43 21.99 -24.65
C GLY B 30 21.21 22.27 -23.19
N VAL B 31 21.68 21.36 -22.34
CA VAL B 31 21.52 21.51 -20.90
C VAL B 31 22.86 21.51 -20.16
N ARG B 32 22.96 22.32 -19.12
CA ARG B 32 24.16 22.41 -18.31
C ARG B 32 23.83 22.97 -16.93
N ASP B 33 24.33 22.31 -15.89
CA ASP B 33 24.09 22.73 -14.51
C ASP B 33 22.61 22.82 -14.17
N GLY B 34 21.83 21.87 -14.70
CA GLY B 34 20.41 21.84 -14.42
C GLY B 34 19.55 22.84 -15.19
N ARG B 35 20.19 23.69 -15.99
CA ARG B 35 19.46 24.70 -16.76
C ARG B 35 19.68 24.56 -18.26
N ILE B 36 18.81 25.21 -19.03
CA ILE B 36 18.91 25.19 -20.49
C ILE B 36 20.03 26.16 -20.88
N ALA B 37 21.11 25.61 -21.42
CA ALA B 37 22.26 26.42 -21.81
C ALA B 37 22.08 27.10 -23.17
N ALA B 38 21.46 26.40 -24.11
CA ALA B 38 21.25 26.98 -25.45
C ALA B 38 20.26 26.19 -26.28
N ILE B 39 19.71 26.87 -27.29
CA ILE B 39 18.76 26.27 -28.21
C ILE B 39 19.19 26.67 -29.63
N GLY B 40 19.53 25.67 -30.44
CA GLY B 40 19.96 25.92 -31.80
C GLY B 40 20.68 24.70 -32.33
N GLU B 41 21.65 24.90 -33.22
CA GLU B 41 22.40 23.77 -33.77
C GLU B 41 23.45 23.35 -32.76
N LEU B 42 23.32 22.12 -32.24
CA LEU B 42 24.26 21.61 -31.25
C LEU B 42 24.81 20.24 -31.64
N GLY B 43 24.57 19.84 -32.89
CA GLY B 43 25.04 18.55 -33.35
C GLY B 43 26.52 18.30 -33.13
N ALA B 44 27.32 19.35 -33.27
CA ALA B 44 28.76 19.24 -33.10
C ALA B 44 29.21 19.45 -31.65
N HIS B 45 28.49 20.28 -30.92
CA HIS B 45 28.82 20.57 -29.53
C HIS B 45 28.77 19.30 -28.66
N PRO B 46 29.91 18.92 -28.08
CA PRO B 46 30.00 17.73 -27.23
C PRO B 46 29.18 17.81 -25.95
N ALA B 47 28.71 16.66 -25.48
CA ALA B 47 27.89 16.59 -24.28
C ALA B 47 28.09 15.24 -23.58
N ARG B 48 27.87 15.24 -22.27
CA ARG B 48 28.02 14.02 -21.47
C ARG B 48 26.89 13.05 -21.75
N HIS B 49 25.74 13.58 -22.15
CA HIS B 49 24.58 12.76 -22.46
C HIS B 49 23.88 13.34 -23.70
N ALA B 50 23.28 12.47 -24.50
CA ALA B 50 22.59 12.93 -25.70
C ALA B 50 21.40 12.07 -26.08
N TRP B 51 20.32 12.73 -26.50
CA TRP B 51 19.10 12.04 -26.92
C TRP B 51 18.80 12.44 -28.36
N ASP B 52 18.41 11.45 -29.17
CA ASP B 52 18.06 11.73 -30.56
C ASP B 52 16.55 11.92 -30.59
N ALA B 53 16.12 13.17 -30.77
CA ALA B 53 14.70 13.50 -30.81
C ALA B 53 14.13 13.61 -32.22
N SER B 54 14.78 12.96 -33.18
CA SER B 54 14.31 13.01 -34.56
C SER B 54 12.87 12.52 -34.61
N GLY B 55 12.01 13.28 -35.29
CA GLY B 55 10.62 12.90 -35.41
C GLY B 55 9.82 13.07 -34.13
N LYS B 56 10.36 13.82 -33.17
CA LYS B 56 9.68 14.04 -31.91
C LYS B 56 9.61 15.51 -31.51
N ILE B 57 8.80 15.78 -30.49
CA ILE B 57 8.63 17.13 -29.98
C ILE B 57 9.42 17.26 -28.68
N VAL B 58 10.09 18.40 -28.53
CA VAL B 58 10.84 18.69 -27.32
C VAL B 58 10.07 19.87 -26.72
N ALA B 59 9.52 19.65 -25.53
CA ALA B 59 8.72 20.69 -24.88
C ALA B 59 9.06 20.84 -23.40
N PRO B 60 8.53 21.90 -22.76
CA PRO B 60 8.84 22.04 -21.34
C PRO B 60 8.12 20.90 -20.62
N GLY B 61 8.65 20.46 -19.48
CA GLY B 61 7.99 19.40 -18.74
C GLY B 61 6.61 19.88 -18.36
N PHE B 62 5.64 18.96 -18.25
CA PHE B 62 4.29 19.36 -17.92
C PHE B 62 4.12 19.65 -16.44
N ILE B 63 3.28 20.64 -16.15
CA ILE B 63 3.02 21.06 -14.77
C ILE B 63 1.60 20.64 -14.37
N ASP B 64 1.52 19.65 -13.49
CA ASP B 64 0.24 19.14 -13.00
C ASP B 64 -0.23 20.06 -11.88
N VAL B 65 -1.12 20.98 -12.21
CA VAL B 65 -1.61 21.94 -11.24
C VAL B 65 -2.61 21.41 -10.21
N HIS B 66 -3.10 20.19 -10.41
CA HIS B 66 -4.04 19.64 -9.44
C HIS B 66 -3.62 18.26 -8.95
N GLY B 67 -2.63 18.22 -8.09
CA GLY B 67 -2.19 16.93 -7.55
C GLY B 67 -2.63 16.74 -6.11
N HIS B 68 -2.69 15.47 -5.70
CA HIS B 68 -3.04 15.11 -4.33
C HIS B 68 -1.95 14.17 -3.85
N ASP B 69 -0.75 14.37 -4.39
CA ASP B 69 0.42 13.55 -4.08
C ASP B 69 1.22 14.03 -2.88
N ASP B 70 0.62 14.87 -2.05
CA ASP B 70 1.29 15.43 -0.87
C ASP B 70 2.21 14.48 -0.10
N LEU B 71 1.69 13.29 0.21
CA LEU B 71 2.43 12.31 1.00
C LEU B 71 3.16 11.24 0.20
N MET B 72 3.03 11.27 -1.12
CA MET B 72 3.66 10.25 -1.96
C MET B 72 5.18 10.34 -2.07
N PHE B 73 5.75 11.50 -1.77
CA PHE B 73 7.19 11.66 -1.85
C PHE B 73 7.88 10.78 -0.82
N VAL B 74 7.14 10.40 0.22
CA VAL B 74 7.69 9.49 1.23
C VAL B 74 7.04 8.11 1.06
N GLU B 75 5.75 8.10 0.75
CA GLU B 75 5.01 6.84 0.59
C GLU B 75 5.29 6.03 -0.66
N LYS B 76 5.41 6.70 -1.80
CA LYS B 76 5.66 6.04 -3.08
C LYS B 76 6.57 6.96 -3.90
N PRO B 77 7.84 7.11 -3.46
CA PRO B 77 8.91 7.93 -4.05
C PRO B 77 9.12 7.90 -5.56
N ASP B 78 8.78 6.78 -6.20
CA ASP B 78 8.99 6.68 -7.64
C ASP B 78 8.19 7.69 -8.47
N LEU B 79 7.00 8.05 -8.01
CA LEU B 79 6.13 8.98 -8.72
C LEU B 79 6.06 8.64 -10.20
N ARG B 80 6.14 7.35 -10.51
CA ARG B 80 6.10 6.91 -11.91
C ARG B 80 4.86 7.33 -12.67
N TRP B 81 3.74 7.47 -11.97
CA TRP B 81 2.49 7.87 -12.62
C TRP B 81 2.59 9.29 -13.16
N LYS B 82 3.56 10.05 -12.66
CA LYS B 82 3.76 11.43 -13.11
C LYS B 82 4.76 11.45 -14.27
N THR B 83 5.96 10.92 -14.03
CA THR B 83 7.00 10.92 -15.04
C THR B 83 6.63 10.21 -16.34
N SER B 84 5.88 9.11 -16.24
CA SER B 84 5.50 8.34 -17.42
C SER B 84 4.52 9.07 -18.32
N GLN B 85 3.94 10.17 -17.84
CA GLN B 85 3.03 10.94 -18.68
C GLN B 85 3.61 12.35 -18.95
N GLY B 86 4.91 12.50 -18.70
CA GLY B 86 5.60 13.75 -18.96
C GLY B 86 5.55 14.87 -17.93
N ILE B 87 5.06 14.60 -16.74
CA ILE B 87 4.96 15.63 -15.70
C ILE B 87 6.28 15.82 -14.94
N THR B 88 6.72 17.07 -14.83
CA THR B 88 7.96 17.40 -14.15
C THR B 88 7.78 18.25 -12.90
N THR B 89 6.57 18.77 -12.71
CA THR B 89 6.24 19.58 -11.54
C THR B 89 4.80 19.30 -11.14
N VAL B 90 4.54 19.24 -9.84
CA VAL B 90 3.17 19.00 -9.37
C VAL B 90 2.84 19.97 -8.25
N VAL B 91 1.61 20.47 -8.25
CA VAL B 91 1.14 21.37 -7.22
C VAL B 91 0.23 20.52 -6.33
N VAL B 92 0.62 20.34 -5.08
CA VAL B 92 -0.16 19.53 -4.15
C VAL B 92 -0.90 20.39 -3.13
N GLY B 93 -1.67 19.73 -2.26
CA GLY B 93 -2.42 20.44 -1.24
C GLY B 93 -3.72 21.05 -1.76
N ASN B 94 -4.35 20.35 -2.70
CA ASN B 94 -5.59 20.84 -3.31
C ASN B 94 -6.88 20.43 -2.60
N CYS B 95 -7.96 21.11 -2.97
CA CYS B 95 -9.30 20.84 -2.43
C CYS B 95 -9.45 20.91 -0.92
N GLY B 96 -8.65 21.77 -0.30
CA GLY B 96 -8.73 21.96 1.14
C GLY B 96 -7.93 21.01 2.01
N VAL B 97 -7.29 20.00 1.41
CA VAL B 97 -6.53 19.05 2.18
C VAL B 97 -5.06 19.03 1.79
N SER B 98 -4.19 19.11 2.80
CA SER B 98 -2.75 19.14 2.56
C SER B 98 -1.96 18.35 3.59
N ALA B 99 -0.66 18.20 3.34
CA ALA B 99 0.22 17.46 4.25
C ALA B 99 0.40 18.17 5.59
N ALA B 100 0.19 19.48 5.60
CA ALA B 100 0.34 20.29 6.81
C ALA B 100 -0.56 21.51 6.76
N PRO B 101 -0.89 22.08 7.92
CA PRO B 101 -0.48 21.64 9.27
C PRO B 101 -1.30 20.46 9.79
N ALA B 102 -0.82 19.84 10.86
CA ALA B 102 -1.51 18.69 11.44
C ALA B 102 -2.72 19.13 12.25
N PRO B 103 -3.79 18.32 12.24
CA PRO B 103 -5.00 18.65 13.00
C PRO B 103 -4.82 18.50 14.50
N LEU B 104 -5.69 19.13 15.27
CA LEU B 104 -5.63 19.02 16.72
C LEU B 104 -6.02 17.57 17.02
N PRO B 105 -5.58 17.05 18.18
CA PRO B 105 -5.93 15.67 18.52
C PRO B 105 -7.44 15.44 18.44
N GLY B 106 -7.84 14.36 17.78
CA GLY B 106 -9.26 14.04 17.66
C GLY B 106 -9.96 14.65 16.45
N ASN B 107 -9.32 15.60 15.80
CA ASN B 107 -9.92 16.25 14.63
C ASN B 107 -9.54 15.53 13.35
N THR B 108 -10.54 15.24 12.54
CA THR B 108 -10.30 14.55 11.28
C THR B 108 -11.31 14.98 10.23
N ALA B 109 -11.08 14.54 9.01
CA ALA B 109 -11.96 14.85 7.89
C ALA B 109 -11.84 13.70 6.90
N ALA B 110 -12.97 13.26 6.38
CA ALA B 110 -12.98 12.14 5.42
C ALA B 110 -12.08 12.37 4.22
N ALA B 111 -12.08 13.60 3.70
CA ALA B 111 -11.27 13.95 2.54
C ALA B 111 -9.76 13.79 2.74
N LEU B 112 -9.31 13.91 3.99
CA LEU B 112 -7.89 13.78 4.29
C LEU B 112 -7.36 12.37 3.98
N ALA B 113 -8.24 11.38 4.11
CA ALA B 113 -7.84 9.99 3.86
C ALA B 113 -7.29 9.80 2.45
N LEU B 114 -7.76 10.63 1.51
CA LEU B 114 -7.32 10.52 0.13
C LEU B 114 -5.83 10.82 -0.06
N LEU B 115 -5.20 11.45 0.92
CA LEU B 115 -3.78 11.77 0.79
C LEU B 115 -2.88 10.60 1.16
N GLY B 116 -3.37 9.72 2.01
CA GLY B 116 -2.57 8.58 2.43
C GLY B 116 -2.61 8.38 3.93
N GLU B 117 -1.94 7.33 4.40
CA GLU B 117 -1.93 7.01 5.83
C GLU B 117 -0.77 7.61 6.62
N THR B 118 0.24 8.11 5.93
CA THR B 118 1.39 8.72 6.62
C THR B 118 0.88 9.86 7.50
N PRO B 119 1.33 9.91 8.77
CA PRO B 119 0.88 10.97 9.67
C PRO B 119 1.21 12.34 9.07
N LEU B 120 0.30 13.29 9.23
CA LEU B 120 0.50 14.62 8.69
C LEU B 120 1.63 15.37 9.40
N PHE B 121 2.18 16.36 8.72
CA PHE B 121 3.28 17.15 9.24
C PHE B 121 2.79 18.30 10.12
N ALA B 122 3.61 18.69 11.09
CA ALA B 122 3.26 19.77 12.03
C ALA B 122 2.91 21.08 11.33
N ASP B 123 3.76 21.49 10.40
CA ASP B 123 3.54 22.72 9.65
C ASP B 123 4.28 22.64 8.33
N VAL B 124 4.16 23.68 7.51
CA VAL B 124 4.81 23.67 6.20
C VAL B 124 6.33 23.57 6.29
N PRO B 125 6.95 24.27 7.26
CA PRO B 125 8.40 24.17 7.36
C PRO B 125 8.83 22.72 7.58
N ALA B 126 8.08 21.99 8.40
CA ALA B 126 8.39 20.59 8.69
C ALA B 126 8.22 19.74 7.44
N TYR B 127 7.16 20.01 6.68
CA TYR B 127 6.89 19.28 5.45
C TYR B 127 7.99 19.54 4.43
N PHE B 128 8.35 20.81 4.26
CA PHE B 128 9.40 21.16 3.30
C PHE B 128 10.76 20.61 3.70
N ALA B 129 11.01 20.54 5.01
CA ALA B 129 12.28 20.02 5.49
C ALA B 129 12.38 18.54 5.16
N ALA B 130 11.25 17.82 5.27
CA ALA B 130 11.22 16.40 4.97
C ALA B 130 11.50 16.19 3.48
N LEU B 131 10.96 17.07 2.64
CA LEU B 131 11.17 16.99 1.21
C LEU B 131 12.63 17.31 0.88
N ASP B 132 13.20 18.30 1.57
CA ASP B 132 14.60 18.65 1.34
C ASP B 132 15.50 17.46 1.69
N ALA B 133 15.13 16.72 2.73
CA ALA B 133 15.91 15.57 3.18
C ALA B 133 15.72 14.33 2.32
N GLN B 134 14.54 14.20 1.71
CA GLN B 134 14.23 13.08 0.83
C GLN B 134 13.65 13.71 -0.42
N ARG B 135 14.53 14.27 -1.24
CA ARG B 135 14.15 14.96 -2.47
C ARG B 135 13.15 14.20 -3.34
N PRO B 136 12.13 14.90 -3.86
CA PRO B 136 11.10 14.33 -4.72
C PRO B 136 11.60 14.07 -6.14
N MET B 137 10.97 13.11 -6.81
CA MET B 137 11.34 12.75 -8.17
C MET B 137 11.11 13.91 -9.13
N ILE B 138 10.06 14.68 -8.87
CA ILE B 138 9.73 15.84 -9.70
C ILE B 138 9.62 17.05 -8.80
N ASN B 139 9.52 18.23 -9.38
CA ASN B 139 9.41 19.45 -8.59
C ASN B 139 8.09 19.47 -7.87
N VAL B 140 8.08 20.07 -6.67
CA VAL B 140 6.88 20.16 -5.87
C VAL B 140 6.59 21.54 -5.31
N ALA B 141 5.38 22.00 -5.56
CA ALA B 141 4.89 23.29 -5.05
C ALA B 141 3.72 22.87 -4.17
N ALA B 142 3.49 23.59 -3.07
CA ALA B 142 2.42 23.19 -2.18
C ALA B 142 1.49 24.29 -1.71
N LEU B 143 0.20 23.94 -1.64
CA LEU B 143 -0.86 24.82 -1.17
C LEU B 143 -1.17 24.30 0.23
N VAL B 144 -1.68 25.17 1.10
CA VAL B 144 -2.07 24.73 2.44
C VAL B 144 -3.59 24.58 2.41
N GLY B 145 -4.09 23.48 2.95
CA GLY B 145 -5.52 23.24 2.92
C GLY B 145 -6.35 23.93 3.97
N HIS B 146 -7.47 24.49 3.54
CA HIS B 146 -8.39 25.18 4.44
C HIS B 146 -8.92 24.19 5.48
N ALA B 147 -9.13 22.94 5.08
CA ALA B 147 -9.60 21.94 6.03
C ALA B 147 -8.53 21.79 7.12
N ASN B 148 -7.27 21.73 6.70
CA ASN B 148 -6.17 21.60 7.66
C ASN B 148 -6.19 22.77 8.62
N LEU B 149 -6.38 23.97 8.09
CA LEU B 149 -6.42 25.17 8.93
C LEU B 149 -7.53 25.07 9.97
N ARG B 150 -8.72 24.65 9.57
CA ARG B 150 -9.82 24.52 10.52
C ARG B 150 -9.52 23.44 11.57
N LEU B 151 -9.04 22.29 11.10
CA LEU B 151 -8.75 21.17 11.98
C LEU B 151 -7.61 21.47 12.96
N ALA B 152 -6.70 22.36 12.57
CA ALA B 152 -5.57 22.71 13.42
C ALA B 152 -5.87 23.84 14.41
N ALA B 153 -6.81 24.71 14.04
CA ALA B 153 -7.14 25.86 14.89
C ALA B 153 -8.44 25.75 15.69
N MET B 154 -9.38 24.94 15.23
CA MET B 154 -10.67 24.83 15.91
C MET B 154 -10.92 23.53 16.65
N ARG B 155 -11.13 23.63 17.95
CA ARG B 155 -11.40 22.44 18.75
C ARG B 155 -12.68 21.80 18.22
N ASP B 156 -13.55 22.61 17.61
CA ASP B 156 -14.78 22.10 16.97
C ASP B 156 -14.82 22.66 15.54
N PRO B 157 -14.24 21.91 14.59
CA PRO B 157 -14.16 22.28 13.17
C PRO B 157 -15.51 22.41 12.48
N GLN B 158 -16.58 22.04 13.17
CA GLN B 158 -17.92 22.13 12.58
C GLN B 158 -18.70 23.37 13.01
N ALA B 159 -18.07 24.22 13.82
CA ALA B 159 -18.74 25.42 14.29
C ALA B 159 -18.26 26.66 13.55
N ALA B 160 -18.83 27.81 13.89
CA ALA B 160 -18.41 29.07 13.28
C ALA B 160 -17.21 29.47 14.12
N PRO B 161 -16.14 29.96 13.49
CA PRO B 161 -14.97 30.34 14.28
C PRO B 161 -15.16 31.57 15.16
N THR B 162 -14.56 31.53 16.35
CA THR B 162 -14.62 32.69 17.23
C THR B 162 -13.64 33.65 16.57
N ALA B 163 -13.63 34.90 16.99
CA ALA B 163 -12.72 35.88 16.39
C ALA B 163 -11.27 35.40 16.50
N ALA B 164 -10.90 34.88 17.67
CA ALA B 164 -9.54 34.40 17.90
C ALA B 164 -9.18 33.23 16.98
N GLU B 165 -10.15 32.34 16.74
CA GLU B 165 -9.89 31.20 15.87
C GLU B 165 -9.70 31.65 14.42
N GLN B 166 -10.48 32.64 14.01
CA GLN B 166 -10.35 33.18 12.65
C GLN B 166 -8.95 33.76 12.52
N GLN B 167 -8.52 34.50 13.54
CA GLN B 167 -7.20 35.11 13.55
C GLN B 167 -6.11 34.04 13.51
N ALA B 168 -6.31 32.96 14.26
CA ALA B 168 -5.35 31.86 14.29
C ALA B 168 -5.20 31.22 12.91
N MET B 169 -6.31 31.00 12.22
CA MET B 169 -6.23 30.40 10.88
C MET B 169 -5.51 31.32 9.92
N GLN B 170 -5.74 32.62 10.08
CA GLN B 170 -5.08 33.60 9.21
C GLN B 170 -3.58 33.61 9.49
N ASP B 171 -3.20 33.52 10.76
CA ASP B 171 -1.80 33.50 11.13
C ASP B 171 -1.12 32.21 10.64
N MET B 172 -1.87 31.10 10.68
CA MET B 172 -1.33 29.83 10.22
C MET B 172 -1.10 29.90 8.71
N LEU B 173 -2.03 30.55 8.01
CA LEU B 173 -1.90 30.70 6.56
C LEU B 173 -0.69 31.57 6.27
N GLN B 174 -0.57 32.67 7.00
CA GLN B 174 0.56 33.59 6.81
C GLN B 174 1.87 32.84 7.02
N ALA B 175 1.90 31.98 8.02
CA ALA B 175 3.09 31.21 8.33
C ALA B 175 3.41 30.27 7.17
N ALA B 176 2.37 29.63 6.63
CA ALA B 176 2.53 28.70 5.52
C ALA B 176 3.10 29.43 4.29
N LEU B 177 2.54 30.60 4.02
CA LEU B 177 2.99 31.39 2.87
C LEU B 177 4.43 31.85 3.07
N GLU B 178 4.77 32.28 4.28
CA GLU B 178 6.13 32.72 4.55
C GLU B 178 7.10 31.55 4.40
N ALA B 179 6.60 30.34 4.63
CA ALA B 179 7.43 29.14 4.50
C ALA B 179 7.62 28.73 3.04
N GLY B 180 6.80 29.30 2.16
CA GLY B 180 6.93 28.99 0.75
C GLY B 180 5.73 28.41 0.05
N ALA B 181 4.60 28.25 0.76
CA ALA B 181 3.40 27.71 0.13
C ALA B 181 2.94 28.69 -0.95
N VAL B 182 2.43 28.17 -2.06
CA VAL B 182 1.98 29.02 -3.17
C VAL B 182 0.59 29.61 -2.99
N GLY B 183 -0.07 29.22 -1.90
CA GLY B 183 -1.40 29.72 -1.63
C GLY B 183 -2.15 28.75 -0.74
N PHE B 184 -3.47 28.88 -0.69
CA PHE B 184 -4.29 27.98 0.10
C PHE B 184 -5.43 27.46 -0.78
N SER B 185 -5.95 26.29 -0.44
CA SER B 185 -7.04 25.70 -1.21
C SER B 185 -8.25 25.48 -0.33
N THR B 186 -9.44 25.47 -0.96
CA THR B 186 -10.67 25.23 -0.23
C THR B 186 -11.42 24.03 -0.81
N GLY B 187 -12.16 23.35 0.05
CA GLY B 187 -12.96 22.21 -0.37
C GLY B 187 -14.33 22.53 0.18
N LEU B 188 -15.02 23.46 -0.48
CA LEU B 188 -16.32 23.91 -0.02
C LEU B 188 -17.46 22.90 -0.11
N ALA B 189 -17.26 21.83 -0.87
CA ALA B 189 -18.29 20.81 -1.00
C ALA B 189 -18.09 19.71 0.06
N TYR B 190 -17.02 19.85 0.84
CA TYR B 190 -16.68 18.87 1.89
C TYR B 190 -16.67 19.48 3.28
N GLN B 191 -16.73 18.62 4.29
CA GLN B 191 -16.65 19.08 5.67
C GLN B 191 -15.14 19.07 5.91
N PRO B 192 -14.63 20.00 6.74
CA PRO B 192 -15.33 21.05 7.47
C PRO B 192 -15.47 22.37 6.69
N GLY B 193 -14.88 22.43 5.51
CA GLY B 193 -14.93 23.64 4.70
C GLY B 193 -16.31 24.18 4.35
N ALA B 194 -17.26 23.29 4.13
CA ALA B 194 -18.62 23.68 3.78
C ALA B 194 -19.26 24.57 4.84
N VAL B 195 -18.77 24.48 6.07
CA VAL B 195 -19.31 25.26 7.19
C VAL B 195 -18.91 26.73 7.11
N ALA B 196 -17.78 27.01 6.48
CA ALA B 196 -17.27 28.37 6.36
C ALA B 196 -18.18 29.33 5.62
N GLN B 197 -18.27 30.56 6.14
CA GLN B 197 -19.07 31.61 5.53
C GLN B 197 -18.13 32.61 4.86
N ALA B 198 -18.71 33.53 4.09
CA ALA B 198 -17.93 34.52 3.36
C ALA B 198 -16.85 35.24 4.17
N ALA B 199 -17.20 35.71 5.37
CA ALA B 199 -16.24 36.43 6.20
C ALA B 199 -14.97 35.62 6.47
N GLU B 200 -15.14 34.33 6.77
CA GLU B 200 -14.01 33.46 7.04
C GLU B 200 -13.13 33.28 5.81
N LEU B 201 -13.75 32.98 4.68
CA LEU B 201 -13.01 32.77 3.43
C LEU B 201 -12.33 34.04 2.95
N GLU B 202 -13.01 35.17 3.05
CA GLU B 202 -12.43 36.45 2.63
C GLU B 202 -11.26 36.81 3.54
N GLY B 203 -11.40 36.52 4.83
CA GLY B 203 -10.33 36.82 5.77
C GLY B 203 -9.05 36.10 5.37
N LEU B 204 -9.19 34.86 4.91
CA LEU B 204 -8.02 34.08 4.50
C LEU B 204 -7.50 34.59 3.15
N ALA B 205 -8.43 34.85 2.24
CA ALA B 205 -8.07 35.33 0.90
C ALA B 205 -7.30 36.65 0.96
N ARG B 206 -7.60 37.49 1.95
CA ARG B 206 -6.89 38.76 2.09
C ARG B 206 -5.43 38.52 2.46
N VAL B 207 -5.20 37.52 3.31
CA VAL B 207 -3.85 37.20 3.72
C VAL B 207 -3.05 36.72 2.50
N ALA B 208 -3.68 35.92 1.65
CA ALA B 208 -3.02 35.42 0.45
C ALA B 208 -2.82 36.54 -0.57
N ALA B 209 -3.87 37.33 -0.80
CA ALA B 209 -3.81 38.42 -1.77
C ALA B 209 -2.69 39.41 -1.45
N GLU B 210 -2.56 39.75 -0.16
CA GLU B 210 -1.54 40.67 0.31
C GLU B 210 -0.14 40.21 -0.07
N ARG B 211 0.05 38.90 -0.16
CA ARG B 211 1.35 38.34 -0.49
C ARG B 211 1.42 37.82 -1.93
N ARG B 212 0.42 38.17 -2.72
CA ARG B 212 0.35 37.76 -4.11
C ARG B 212 0.34 36.25 -4.22
N ARG B 213 -0.42 35.59 -3.36
CA ARG B 213 -0.51 34.13 -3.41
C ARG B 213 -1.90 33.71 -3.86
N LEU B 214 -2.08 32.42 -4.09
CA LEU B 214 -3.32 31.90 -4.60
C LEU B 214 -4.38 31.34 -3.66
N HIS B 215 -5.59 31.27 -4.21
CA HIS B 215 -6.73 30.65 -3.56
C HIS B 215 -7.25 29.70 -4.64
N THR B 216 -6.98 28.40 -4.49
CA THR B 216 -7.48 27.43 -5.46
C THR B 216 -8.70 26.85 -4.78
N SER B 217 -9.76 26.62 -5.53
CA SER B 217 -10.96 26.13 -4.89
C SER B 217 -11.80 25.05 -5.54
N HIS B 218 -12.21 24.11 -4.71
CA HIS B 218 -13.13 23.07 -5.11
C HIS B 218 -14.37 23.77 -4.61
N ILE B 219 -15.16 24.31 -5.54
CA ILE B 219 -16.35 25.09 -5.18
C ILE B 219 -17.42 24.34 -4.39
N ARG B 220 -18.30 25.12 -3.76
CA ARG B 220 -19.36 24.57 -2.91
C ARG B 220 -20.21 23.47 -3.50
N ASN B 221 -20.58 23.61 -4.78
CA ASN B 221 -21.40 22.60 -5.45
C ASN B 221 -21.09 22.61 -6.94
N GLU B 222 -20.99 21.43 -7.54
CA GLU B 222 -20.68 21.33 -8.96
C GLU B 222 -21.80 20.69 -9.75
N ALA B 223 -23.01 20.71 -9.18
CA ALA B 223 -24.18 20.15 -9.82
C ALA B 223 -25.24 21.26 -9.96
N ASP B 224 -26.38 21.09 -9.30
CA ASP B 224 -27.45 22.08 -9.38
C ASP B 224 -27.03 23.51 -9.00
N GLY B 225 -26.14 23.63 -8.03
CA GLY B 225 -25.72 24.96 -7.62
C GLY B 225 -24.37 25.38 -8.17
N VAL B 226 -23.97 24.80 -9.30
CA VAL B 226 -22.67 25.12 -9.88
C VAL B 226 -22.47 26.60 -10.24
N GLU B 227 -23.49 27.24 -10.82
CA GLU B 227 -23.35 28.65 -11.18
C GLU B 227 -23.18 29.55 -9.96
N ALA B 228 -23.94 29.28 -8.91
CA ALA B 228 -23.83 30.08 -7.69
C ALA B 228 -22.48 29.81 -7.02
N ALA B 229 -22.00 28.57 -7.12
CA ALA B 229 -20.72 28.19 -6.52
C ALA B 229 -19.55 28.91 -7.19
N VAL B 230 -19.60 29.05 -8.51
CA VAL B 230 -18.55 29.74 -9.23
C VAL B 230 -18.57 31.22 -8.83
N GLU B 231 -19.78 31.79 -8.83
CA GLU B 231 -19.95 33.19 -8.46
C GLU B 231 -19.43 33.45 -7.04
N GLU B 232 -19.64 32.50 -6.15
CA GLU B 232 -19.17 32.66 -4.76
C GLU B 232 -17.67 32.85 -4.69
N VAL B 233 -16.90 32.03 -5.41
CA VAL B 233 -15.45 32.16 -5.37
C VAL B 233 -14.98 33.39 -6.15
N LEU B 234 -15.73 33.78 -7.17
CA LEU B 234 -15.36 34.97 -7.93
C LEU B 234 -15.60 36.17 -7.01
N ALA B 235 -16.65 36.09 -6.20
CA ALA B 235 -16.99 37.15 -5.26
C ALA B 235 -15.86 37.33 -4.26
N ILE B 236 -15.25 36.23 -3.85
CA ILE B 236 -14.14 36.28 -2.92
C ILE B 236 -12.97 36.99 -3.61
N GLY B 237 -12.79 36.69 -4.88
CA GLY B 237 -11.72 37.31 -5.64
C GLY B 237 -11.93 38.80 -5.82
N ARG B 238 -13.18 39.21 -6.02
CA ARG B 238 -13.48 40.63 -6.19
C ARG B 238 -13.31 41.38 -4.86
N GLY B 239 -13.75 40.75 -3.78
CA GLY B 239 -13.67 41.39 -2.48
C GLY B 239 -12.31 41.44 -1.83
N THR B 240 -11.35 40.67 -2.34
CA THR B 240 -10.01 40.63 -1.76
C THR B 240 -8.88 40.84 -2.76
N GLY B 241 -9.18 40.67 -4.05
CA GLY B 241 -8.17 40.83 -5.08
C GLY B 241 -7.26 39.59 -5.15
N CYS B 242 -7.65 38.54 -4.43
CA CYS B 242 -6.84 37.32 -4.41
C CYS B 242 -6.89 36.55 -5.74
N ALA B 243 -5.71 36.21 -6.26
CA ALA B 243 -5.61 35.42 -7.49
C ALA B 243 -6.34 34.13 -7.21
N THR B 244 -7.16 33.67 -8.17
CA THR B 244 -7.98 32.48 -7.98
C THR B 244 -7.89 31.42 -9.06
N VAL B 245 -8.15 30.17 -8.67
CA VAL B 245 -8.15 29.04 -9.60
C VAL B 245 -9.37 28.18 -9.28
N VAL B 246 -10.21 27.96 -10.27
CA VAL B 246 -11.38 27.11 -10.08
C VAL B 246 -10.93 25.69 -10.42
N SER B 247 -10.76 24.87 -9.38
CA SER B 247 -10.29 23.49 -9.55
C SER B 247 -11.25 22.58 -10.28
N HIS B 248 -10.69 21.66 -11.06
CA HIS B 248 -11.45 20.67 -11.82
C HIS B 248 -12.86 21.14 -12.16
N HIS B 249 -12.94 22.21 -12.95
CA HIS B 249 -14.25 22.75 -13.32
C HIS B 249 -15.06 21.73 -14.09
N LYS B 250 -16.34 21.63 -13.76
CA LYS B 250 -17.21 20.65 -14.39
C LYS B 250 -18.67 20.97 -14.05
N CYS B 251 -19.56 20.22 -14.68
CA CYS B 251 -21.00 20.32 -14.45
C CYS B 251 -21.48 18.88 -14.32
N MET B 252 -21.88 18.50 -13.11
CA MET B 252 -22.35 17.14 -12.83
C MET B 252 -23.86 17.02 -12.93
N MET B 253 -24.30 15.85 -13.40
CA MET B 253 -25.71 15.51 -13.57
C MET B 253 -26.26 16.10 -14.86
N PRO B 254 -26.97 15.28 -15.66
CA PRO B 254 -27.57 15.67 -16.94
C PRO B 254 -28.31 17.00 -16.95
N GLN B 255 -29.09 17.26 -15.92
CA GLN B 255 -29.86 18.51 -15.84
C GLN B 255 -28.95 19.74 -15.78
N ASN B 256 -27.67 19.52 -15.50
CA ASN B 256 -26.72 20.63 -15.40
C ASN B 256 -25.74 20.71 -16.55
N TRP B 257 -25.76 19.73 -17.44
CA TRP B 257 -24.85 19.73 -18.58
C TRP B 257 -25.09 20.96 -19.45
N GLY B 258 -24.03 21.69 -19.75
CA GLY B 258 -24.15 22.87 -20.58
C GLY B 258 -24.04 24.16 -19.78
N ARG B 259 -24.20 24.05 -18.46
CA ARG B 259 -24.12 25.23 -17.61
C ARG B 259 -22.75 25.90 -17.62
N SER B 260 -21.74 25.22 -18.17
CA SER B 260 -20.40 25.81 -18.22
C SER B 260 -20.38 27.05 -19.10
N ARG B 261 -21.34 27.15 -20.02
CA ARG B 261 -21.40 28.33 -20.88
C ARG B 261 -21.61 29.54 -19.99
N ALA B 262 -22.46 29.39 -18.97
CA ALA B 262 -22.74 30.48 -18.04
C ALA B 262 -21.57 30.70 -17.06
N THR B 263 -21.01 29.62 -16.51
CA THR B 263 -19.91 29.77 -15.58
C THR B 263 -18.66 30.36 -16.22
N LEU B 264 -18.29 29.85 -17.39
CA LEU B 264 -17.12 30.36 -18.09
C LEU B 264 -17.32 31.83 -18.46
N ALA B 265 -18.55 32.18 -18.82
CA ALA B 265 -18.88 33.56 -19.17
C ALA B 265 -18.70 34.44 -17.94
N ASN B 266 -19.14 33.95 -16.79
CA ASN B 266 -19.02 34.69 -15.54
C ASN B 266 -17.54 34.85 -15.17
N ILE B 267 -16.75 33.79 -15.37
CA ILE B 267 -15.33 33.82 -15.08
C ILE B 267 -14.63 34.86 -15.96
N ASP B 268 -14.97 34.88 -17.24
CA ASP B 268 -14.34 35.85 -18.15
C ASP B 268 -14.67 37.28 -17.76
N ARG B 269 -15.91 37.53 -17.37
CA ARG B 269 -16.30 38.88 -16.97
C ARG B 269 -15.54 39.30 -15.73
N ALA B 270 -15.35 38.36 -14.80
CA ALA B 270 -14.62 38.65 -13.58
C ALA B 270 -13.20 39.06 -13.94
N ARG B 271 -12.61 38.39 -14.93
CA ARG B 271 -11.27 38.74 -15.34
C ARG B 271 -11.28 40.15 -15.93
N GLU B 272 -12.36 40.49 -16.63
CA GLU B 272 -12.50 41.83 -17.22
C GLU B 272 -12.50 42.87 -16.11
N GLN B 273 -13.03 42.50 -14.96
CA GLN B 273 -13.10 43.39 -13.80
C GLN B 273 -11.75 43.54 -13.11
N GLY B 274 -10.84 42.61 -13.37
CA GLY B 274 -9.53 42.67 -12.76
C GLY B 274 -9.20 41.47 -11.89
N VAL B 275 -10.12 40.53 -11.79
CA VAL B 275 -9.87 39.33 -10.99
C VAL B 275 -8.88 38.45 -11.74
N GLU B 276 -7.82 38.03 -11.07
CA GLU B 276 -6.82 37.16 -11.67
C GLU B 276 -7.38 35.75 -11.45
N VAL B 277 -7.95 35.16 -12.50
CA VAL B 277 -8.54 33.84 -12.36
C VAL B 277 -8.26 32.89 -13.51
N ALA B 278 -8.04 31.63 -13.16
CA ALA B 278 -7.78 30.59 -14.14
C ALA B 278 -8.56 29.35 -13.67
N LEU B 279 -8.48 28.27 -14.44
CA LEU B 279 -9.18 27.04 -14.07
C LEU B 279 -8.41 25.84 -14.61
N ASP B 280 -8.85 24.64 -14.23
CA ASP B 280 -8.20 23.43 -14.72
C ASP B 280 -9.18 22.28 -14.80
N ILE B 281 -8.83 21.28 -15.60
CA ILE B 281 -9.68 20.10 -15.77
C ILE B 281 -8.82 18.87 -16.02
N TYR B 282 -9.45 17.70 -15.89
CA TYR B 282 -8.82 16.44 -16.22
C TYR B 282 -9.74 16.02 -17.37
N PRO B 283 -9.17 15.42 -18.42
CA PRO B 283 -9.90 14.98 -19.61
C PRO B 283 -10.82 13.76 -19.52
N TYR B 284 -11.69 13.72 -18.51
CA TYR B 284 -12.59 12.58 -18.35
C TYR B 284 -13.98 13.02 -17.88
N PRO B 285 -15.02 12.25 -18.24
CA PRO B 285 -16.40 12.57 -17.84
C PRO B 285 -16.84 11.91 -16.53
N GLY B 286 -15.87 11.46 -15.76
CA GLY B 286 -16.18 10.83 -14.49
C GLY B 286 -15.29 11.44 -13.42
N SER B 287 -15.82 11.67 -12.23
CA SER B 287 -15.05 12.26 -11.14
C SER B 287 -14.66 11.16 -10.17
N SER B 288 -13.90 11.52 -9.14
CA SER B 288 -13.49 10.54 -8.15
C SER B 288 -13.12 11.21 -6.84
N THR B 289 -13.67 10.70 -5.76
CA THR B 289 -13.39 11.23 -4.43
C THR B 289 -13.93 10.23 -3.41
N ILE B 290 -14.22 10.70 -2.21
CA ILE B 290 -14.75 9.82 -1.18
C ILE B 290 -16.15 9.35 -1.58
N LEU B 291 -16.55 8.19 -1.03
CA LEU B 291 -17.86 7.65 -1.31
C LEU B 291 -18.87 8.46 -0.50
N ILE B 292 -19.90 8.96 -1.17
CA ILE B 292 -20.93 9.77 -0.53
C ILE B 292 -22.27 9.02 -0.64
N PRO B 293 -22.75 8.42 0.45
CA PRO B 293 -24.01 7.68 0.47
C PRO B 293 -25.20 8.39 -0.15
N GLU B 294 -25.27 9.70 0.06
CA GLU B 294 -26.38 10.51 -0.47
C GLU B 294 -26.51 10.45 -1.98
N ARG B 295 -25.42 10.10 -2.67
CA ARG B 295 -25.45 10.03 -4.14
C ARG B 295 -25.91 8.66 -4.65
N ALA B 296 -26.04 7.70 -3.74
CA ALA B 296 -26.45 6.35 -4.09
C ALA B 296 -27.72 6.26 -4.93
N GLU B 297 -28.67 7.16 -4.70
CA GLU B 297 -29.92 7.12 -5.44
C GLU B 297 -30.07 8.20 -6.50
N THR B 298 -28.99 8.92 -6.78
CA THR B 298 -29.06 9.97 -7.80
C THR B 298 -28.08 9.72 -8.94
N ILE B 299 -27.03 8.94 -8.67
CA ILE B 299 -26.03 8.64 -9.68
C ILE B 299 -25.86 7.13 -9.86
N ASP B 300 -26.00 6.66 -11.10
CA ASP B 300 -25.84 5.23 -11.39
C ASP B 300 -24.36 4.90 -11.66
N ASP B 301 -24.04 3.61 -11.60
CA ASP B 301 -22.68 3.13 -11.85
C ASP B 301 -21.58 3.67 -10.95
N ILE B 302 -21.91 3.91 -9.68
CA ILE B 302 -20.91 4.38 -8.74
C ILE B 302 -19.95 3.20 -8.57
N ARG B 303 -18.69 3.39 -8.96
CA ARG B 303 -17.68 2.35 -8.85
C ARG B 303 -16.76 2.61 -7.67
N ILE B 304 -16.56 1.60 -6.84
CA ILE B 304 -15.72 1.72 -5.66
C ILE B 304 -14.23 1.73 -6.02
N THR B 305 -13.49 2.66 -5.45
CA THR B 305 -12.06 2.77 -5.71
C THR B 305 -11.26 2.17 -4.56
N TRP B 306 -11.89 2.14 -3.38
CA TRP B 306 -11.27 1.58 -2.18
C TRP B 306 -12.28 1.56 -1.03
N SER B 307 -12.05 0.67 -0.07
CA SER B 307 -12.91 0.57 1.10
C SER B 307 -12.12 -0.07 2.23
N THR B 308 -12.01 0.62 3.35
CA THR B 308 -11.27 0.10 4.47
C THR B 308 -11.84 -1.21 5.04
N PRO B 309 -13.15 -1.23 5.35
CA PRO B 309 -13.72 -2.47 5.89
C PRO B 309 -13.96 -3.55 4.84
N HIS B 310 -14.04 -3.15 3.57
CA HIS B 310 -14.31 -4.10 2.50
C HIS B 310 -13.40 -3.89 1.29
N PRO B 311 -12.09 -4.13 1.45
CA PRO B 311 -11.14 -3.96 0.35
C PRO B 311 -11.41 -4.84 -0.86
N GLU B 312 -12.22 -5.88 -0.67
CA GLU B 312 -12.54 -6.79 -1.77
C GLU B 312 -13.48 -6.15 -2.79
N CYS B 313 -14.16 -5.07 -2.40
CA CYS B 313 -15.11 -4.44 -3.30
C CYS B 313 -14.54 -3.37 -4.24
N SER B 314 -13.25 -3.11 -4.16
CA SER B 314 -12.64 -2.12 -5.04
C SER B 314 -12.85 -2.56 -6.48
N GLY B 315 -13.34 -1.65 -7.32
CA GLY B 315 -13.59 -1.98 -8.71
C GLY B 315 -15.01 -2.42 -9.01
N GLU B 316 -15.78 -2.68 -7.97
CA GLU B 316 -17.16 -3.14 -8.11
C GLU B 316 -18.15 -1.98 -8.13
N TYR B 317 -19.33 -2.18 -8.73
CA TYR B 317 -20.37 -1.15 -8.75
C TYR B 317 -21.14 -1.23 -7.44
N LEU B 318 -21.49 -0.09 -6.87
CA LEU B 318 -22.24 -0.05 -5.62
C LEU B 318 -23.53 -0.85 -5.74
N ALA B 319 -24.16 -0.78 -6.91
CA ALA B 319 -25.41 -1.49 -7.15
C ALA B 319 -25.26 -3.00 -7.03
N ASP B 320 -24.15 -3.54 -7.55
CA ASP B 320 -23.91 -4.97 -7.49
C ASP B 320 -23.60 -5.42 -6.06
N ILE B 321 -22.88 -4.59 -5.33
CA ILE B 321 -22.52 -4.89 -3.95
C ILE B 321 -23.80 -4.96 -3.11
N ALA B 322 -24.64 -3.94 -3.26
CA ALA B 322 -25.90 -3.88 -2.52
C ALA B 322 -26.78 -5.09 -2.81
N ALA B 323 -26.89 -5.44 -4.09
CA ALA B 323 -27.72 -6.57 -4.51
C ALA B 323 -27.23 -7.86 -3.85
N ARG B 324 -25.91 -8.00 -3.78
CA ARG B 324 -25.31 -9.19 -3.18
C ARG B 324 -25.57 -9.24 -1.68
N TRP B 325 -25.52 -8.10 -1.01
CA TRP B 325 -25.74 -8.04 0.43
C TRP B 325 -27.21 -8.05 0.80
N GLY B 326 -28.08 -7.78 -0.19
CA GLY B 326 -29.51 -7.78 0.08
C GLY B 326 -29.99 -6.54 0.79
N CYS B 327 -29.33 -5.41 0.54
CA CYS B 327 -29.71 -4.14 1.16
C CYS B 327 -29.76 -3.08 0.06
N ASP B 328 -30.27 -1.89 0.38
CA ASP B 328 -30.32 -0.84 -0.64
C ASP B 328 -28.94 -0.22 -0.80
N LYS B 329 -28.75 0.52 -1.88
CA LYS B 329 -27.46 1.14 -2.16
C LYS B 329 -26.93 2.11 -1.10
N THR B 330 -27.82 2.86 -0.45
CA THR B 330 -27.39 3.79 0.58
C THR B 330 -26.82 3.03 1.78
N THR B 331 -27.50 1.95 2.15
CA THR B 331 -27.04 1.13 3.27
C THR B 331 -25.70 0.50 2.94
N ALA B 332 -25.57 0.01 1.72
CA ALA B 332 -24.32 -0.61 1.28
C ALA B 332 -23.19 0.41 1.37
N ALA B 333 -23.47 1.63 0.92
CA ALA B 333 -22.48 2.70 0.94
C ALA B 333 -22.03 3.00 2.36
N ARG B 334 -22.96 3.01 3.31
CA ARG B 334 -22.61 3.28 4.70
C ARG B 334 -21.73 2.16 5.25
N ARG B 335 -22.02 0.92 4.88
CA ARG B 335 -21.24 -0.22 5.35
C ARG B 335 -19.84 -0.24 4.74
N LEU B 336 -19.69 0.37 3.58
CA LEU B 336 -18.40 0.42 2.89
C LEU B 336 -17.47 1.50 3.45
N ALA B 337 -18.04 2.46 4.17
CA ALA B 337 -17.27 3.57 4.73
C ALA B 337 -16.23 3.14 5.77
N PRO B 338 -15.04 3.78 5.74
CA PRO B 338 -14.67 4.83 4.78
C PRO B 338 -14.31 4.22 3.44
N ALA B 339 -14.71 4.87 2.36
CA ALA B 339 -14.43 4.35 1.02
C ALA B 339 -14.34 5.47 -0.01
N GLY B 340 -13.94 5.11 -1.22
CA GLY B 340 -13.81 6.06 -2.30
C GLY B 340 -14.57 5.56 -3.52
N ALA B 341 -14.83 6.42 -4.48
CA ALA B 341 -15.58 6.00 -5.65
C ALA B 341 -15.42 6.90 -6.86
N ILE B 342 -15.90 6.40 -8.00
CA ILE B 342 -15.87 7.13 -9.27
C ILE B 342 -17.33 7.41 -9.61
N TYR B 343 -17.59 8.65 -10.02
CA TYR B 343 -18.94 9.09 -10.37
C TYR B 343 -19.00 9.52 -11.84
N PHE B 344 -19.72 8.75 -12.66
CA PHE B 344 -19.85 9.06 -14.08
C PHE B 344 -21.05 9.98 -14.23
N ALA B 345 -20.81 11.29 -14.10
CA ALA B 345 -21.88 12.26 -14.16
C ALA B 345 -21.66 13.49 -15.03
N MET B 346 -20.63 13.47 -15.85
CA MET B 346 -20.35 14.62 -16.72
C MET B 346 -20.49 14.30 -18.20
N ASP B 347 -20.61 15.36 -19.01
CA ASP B 347 -20.74 15.25 -20.46
C ASP B 347 -19.36 15.50 -21.06
N GLU B 348 -18.74 14.46 -21.60
CA GLU B 348 -17.40 14.58 -22.19
C GLU B 348 -17.32 15.70 -23.22
N ASP B 349 -18.41 15.99 -23.91
CA ASP B 349 -18.38 17.07 -24.90
C ASP B 349 -18.15 18.40 -24.18
N GLU B 350 -18.75 18.54 -23.01
CA GLU B 350 -18.61 19.75 -22.23
C GLU B 350 -17.23 19.85 -21.60
N VAL B 351 -16.67 18.71 -21.19
CA VAL B 351 -15.34 18.69 -20.62
C VAL B 351 -14.37 19.28 -21.65
N LYS B 352 -14.53 18.86 -22.89
CA LYS B 352 -13.69 19.35 -23.98
C LYS B 352 -13.87 20.85 -24.18
N ARG B 353 -15.12 21.32 -24.12
CA ARG B 353 -15.39 22.75 -24.29
C ARG B 353 -14.70 23.55 -23.20
N ILE B 354 -14.76 23.06 -21.96
CA ILE B 354 -14.12 23.77 -20.86
C ILE B 354 -12.62 23.84 -21.09
N PHE B 355 -12.02 22.74 -21.52
CA PHE B 355 -10.58 22.73 -21.77
C PHE B 355 -10.19 23.72 -22.87
N GLN B 356 -11.00 23.81 -23.91
CA GLN B 356 -10.73 24.73 -25.01
C GLN B 356 -10.77 26.19 -24.58
N HIS B 357 -11.50 26.47 -23.51
CA HIS B 357 -11.65 27.83 -23.02
C HIS B 357 -10.32 28.42 -22.55
N PRO B 358 -10.07 29.69 -22.87
CA PRO B 358 -8.82 30.33 -22.47
C PRO B 358 -8.57 30.24 -20.97
N CYS B 359 -7.30 30.09 -20.60
CA CYS B 359 -6.91 30.01 -19.19
C CYS B 359 -7.20 28.68 -18.49
N CYS B 360 -7.59 27.66 -19.24
CA CYS B 360 -7.84 26.37 -18.61
C CYS B 360 -6.58 25.51 -18.68
N MET B 361 -6.09 25.11 -17.51
CA MET B 361 -4.89 24.29 -17.38
C MET B 361 -5.31 22.83 -17.24
N VAL B 362 -4.32 21.94 -17.20
CA VAL B 362 -4.60 20.53 -17.05
C VAL B 362 -4.18 20.09 -15.64
N GLY B 363 -5.12 19.51 -14.90
CA GLY B 363 -4.84 19.02 -13.57
C GLY B 363 -5.30 17.57 -13.54
N SER B 364 -4.38 16.64 -13.33
CA SER B 364 -4.74 15.22 -13.35
C SER B 364 -5.72 14.80 -12.25
N ASP B 365 -5.57 15.38 -11.06
CA ASP B 365 -6.42 15.05 -9.92
C ASP B 365 -6.29 13.55 -9.63
N GLY B 366 -5.10 13.00 -9.86
CA GLY B 366 -4.89 11.60 -9.59
C GLY B 366 -4.95 11.35 -8.09
N LEU B 367 -5.50 10.20 -7.70
CA LEU B 367 -5.61 9.83 -6.29
C LEU B 367 -4.72 8.59 -6.17
N PRO B 368 -3.41 8.81 -5.92
CA PRO B 368 -2.36 7.79 -5.79
C PRO B 368 -2.52 6.72 -4.72
N ASN B 369 -3.35 6.99 -3.72
CA ASN B 369 -3.57 6.05 -2.63
C ASN B 369 -4.67 5.02 -2.91
N ASP B 370 -5.56 5.34 -3.85
CA ASP B 370 -6.68 4.47 -4.21
C ASP B 370 -6.27 3.07 -4.69
N ALA B 371 -6.98 2.05 -4.22
CA ALA B 371 -6.72 0.66 -4.61
C ALA B 371 -6.94 0.46 -6.10
N ARG B 372 -8.07 0.96 -6.60
CA ARG B 372 -8.41 0.88 -8.01
C ARG B 372 -8.78 2.30 -8.40
N PRO B 373 -7.76 3.13 -8.68
CA PRO B 373 -7.93 4.54 -9.05
C PRO B 373 -8.58 4.85 -10.39
N HIS B 374 -8.99 6.11 -10.50
CA HIS B 374 -9.56 6.64 -11.72
C HIS B 374 -8.32 6.71 -12.62
N PRO B 375 -8.45 6.30 -13.89
CA PRO B 375 -7.30 6.32 -14.82
C PRO B 375 -6.60 7.66 -15.02
N ARG B 376 -7.23 8.77 -14.64
CA ARG B 376 -6.61 10.08 -14.80
C ARG B 376 -5.26 10.14 -14.08
N LEU B 377 -5.10 9.29 -13.07
CA LEU B 377 -3.86 9.22 -12.29
C LEU B 377 -2.65 8.98 -13.20
N TRP B 378 -2.84 8.11 -14.20
CA TRP B 378 -1.77 7.76 -15.12
C TRP B 378 -1.89 8.28 -16.56
N GLY B 379 -3.07 8.73 -16.99
CA GLY B 379 -3.16 9.17 -18.37
C GLY B 379 -3.71 10.53 -18.73
N SER B 380 -3.84 11.43 -17.76
CA SER B 380 -4.38 12.75 -18.03
C SER B 380 -3.68 13.56 -19.13
N PHE B 381 -2.38 13.82 -18.98
CA PHE B 381 -1.66 14.63 -19.96
C PHE B 381 -1.51 13.99 -21.32
N THR B 382 -1.25 12.69 -21.35
CA THR B 382 -1.10 12.00 -22.61
C THR B 382 -2.45 11.83 -23.31
N ARG B 383 -3.53 11.85 -22.53
CA ARG B 383 -4.86 11.74 -23.13
C ARG B 383 -5.16 13.07 -23.85
N VAL B 384 -4.72 14.17 -23.26
CA VAL B 384 -4.93 15.47 -23.89
C VAL B 384 -4.12 15.54 -25.18
N LEU B 385 -2.85 15.16 -25.11
CA LEU B 385 -1.98 15.19 -26.29
C LEU B 385 -2.42 14.22 -27.39
N GLY B 386 -2.82 13.03 -27.00
CA GLY B 386 -3.21 12.03 -27.99
C GLY B 386 -4.65 12.10 -28.46
N ARG B 387 -5.59 12.21 -27.52
CA ARG B 387 -7.01 12.24 -27.87
C ARG B 387 -7.56 13.63 -28.18
N TYR B 388 -7.29 14.59 -27.32
CA TYR B 388 -7.79 15.95 -27.53
C TYR B 388 -7.10 16.67 -28.68
N VAL B 389 -5.79 16.50 -28.79
CA VAL B 389 -5.06 17.17 -29.86
C VAL B 389 -4.96 16.36 -31.15
N ARG B 390 -4.22 15.26 -31.14
CA ARG B 390 -4.07 14.47 -32.37
C ARG B 390 -5.39 13.95 -32.95
N GLU B 391 -6.21 13.30 -32.13
CA GLU B 391 -7.47 12.75 -32.63
C GLU B 391 -8.58 13.78 -32.91
N ALA B 392 -8.86 14.62 -31.92
CA ALA B 392 -9.95 15.60 -32.04
C ALA B 392 -9.57 16.99 -32.54
N ARG B 393 -8.29 17.33 -32.54
CA ARG B 393 -7.84 18.64 -33.00
C ARG B 393 -8.54 19.78 -32.27
N LEU B 394 -8.75 19.64 -30.96
CA LEU B 394 -9.42 20.69 -30.20
C LEU B 394 -8.63 21.98 -30.21
N MET B 395 -7.33 21.86 -30.39
CA MET B 395 -6.42 23.01 -30.46
C MET B 395 -5.10 22.47 -31.00
N THR B 396 -4.19 23.37 -31.37
CA THR B 396 -2.91 22.94 -31.90
C THR B 396 -2.06 22.39 -30.78
N LEU B 397 -1.01 21.67 -31.15
CA LEU B 397 -0.10 21.09 -30.19
C LEU B 397 0.61 22.22 -29.45
N GLU B 398 0.97 23.28 -30.17
CA GLU B 398 1.64 24.42 -29.55
C GLU B 398 0.75 25.05 -28.48
N GLN B 399 -0.55 25.13 -28.75
CA GLN B 399 -1.49 25.71 -27.80
C GLN B 399 -1.70 24.81 -26.59
N ALA B 400 -1.81 23.51 -26.83
CA ALA B 400 -2.01 22.56 -25.74
C ALA B 400 -0.80 22.54 -24.81
N VAL B 401 0.39 22.56 -25.39
CA VAL B 401 1.60 22.54 -24.58
C VAL B 401 1.65 23.81 -23.73
N ALA B 402 1.23 24.94 -24.29
CA ALA B 402 1.23 26.18 -23.54
C ALA B 402 0.32 26.07 -22.32
N ARG B 403 -0.82 25.40 -22.47
CA ARG B 403 -1.76 25.21 -21.37
C ARG B 403 -1.18 24.34 -20.25
N MET B 404 -0.23 23.48 -20.60
CA MET B 404 0.37 22.57 -19.63
C MET B 404 1.71 23.04 -19.07
N THR B 405 2.25 24.12 -19.62
CA THR B 405 3.55 24.60 -19.18
C THR B 405 3.61 26.07 -18.78
N ALA B 406 3.65 26.96 -19.78
CA ALA B 406 3.75 28.39 -19.53
C ALA B 406 2.59 28.95 -18.70
N LEU B 407 1.36 28.57 -19.04
CA LEU B 407 0.19 29.05 -18.31
C LEU B 407 0.29 28.71 -16.83
N PRO B 408 0.52 27.42 -16.49
CA PRO B 408 0.63 27.06 -15.07
C PRO B 408 1.77 27.83 -14.38
N ALA B 409 2.90 27.96 -15.06
CA ALA B 409 4.05 28.68 -14.51
C ALA B 409 3.66 30.12 -14.18
N ARG B 410 2.88 30.74 -15.06
CA ARG B 410 2.41 32.11 -14.89
C ARG B 410 1.42 32.19 -13.72
N VAL B 411 0.41 31.32 -13.75
CA VAL B 411 -0.61 31.30 -12.70
C VAL B 411 -0.06 31.04 -11.30
N PHE B 412 0.88 30.11 -11.18
CA PHE B 412 1.46 29.76 -9.88
C PHE B 412 2.76 30.48 -9.56
N GLY B 413 3.24 31.30 -10.49
CA GLY B 413 4.46 32.06 -10.27
C GLY B 413 5.76 31.29 -10.22
N PHE B 414 5.92 30.31 -11.11
CA PHE B 414 7.15 29.54 -11.15
C PHE B 414 8.17 30.19 -12.09
N ALA B 415 9.10 30.93 -11.52
CA ALA B 415 10.11 31.61 -12.32
C ALA B 415 11.06 30.61 -12.95
N GLU B 416 11.42 30.86 -14.21
CA GLU B 416 12.34 30.02 -14.95
C GLU B 416 11.90 28.57 -15.15
N ARG B 417 10.59 28.36 -15.27
CA ARG B 417 10.03 27.03 -15.52
C ARG B 417 8.83 27.21 -16.44
N GLY B 418 8.43 26.13 -17.11
CA GLY B 418 7.29 26.21 -17.99
C GLY B 418 7.60 26.71 -19.38
N VAL B 419 8.87 27.05 -19.62
CA VAL B 419 9.28 27.53 -20.94
C VAL B 419 10.68 27.05 -21.31
N LEU B 420 10.87 26.71 -22.58
CA LEU B 420 12.17 26.28 -23.04
C LEU B 420 12.93 27.48 -23.59
N GLN B 421 13.82 28.03 -22.79
CA GLN B 421 14.64 29.17 -23.19
C GLN B 421 15.89 29.18 -22.33
N PRO B 422 16.99 29.76 -22.85
CA PRO B 422 18.24 29.81 -22.09
C PRO B 422 18.04 30.38 -20.69
N GLY B 423 18.67 29.75 -19.71
CA GLY B 423 18.57 30.22 -18.33
C GLY B 423 17.47 29.57 -17.52
N ALA B 424 16.46 29.03 -18.20
CA ALA B 424 15.35 28.39 -17.51
C ALA B 424 15.77 27.01 -17.01
N TRP B 425 15.08 26.50 -16.00
CA TRP B 425 15.40 25.18 -15.47
C TRP B 425 15.14 24.14 -16.56
N ALA B 426 15.98 23.12 -16.61
CA ALA B 426 15.82 22.10 -17.64
C ALA B 426 14.80 21.01 -17.34
N ASP B 427 13.54 21.41 -17.18
CA ASP B 427 12.45 20.46 -16.99
C ASP B 427 12.00 20.25 -18.43
N VAL B 428 12.25 19.05 -18.95
CA VAL B 428 11.94 18.77 -20.35
C VAL B 428 11.28 17.43 -20.61
N VAL B 429 10.40 17.40 -21.60
CA VAL B 429 9.74 16.16 -22.00
C VAL B 429 9.87 16.03 -23.51
N VAL B 430 10.22 14.83 -23.97
CA VAL B 430 10.37 14.55 -25.39
C VAL B 430 9.30 13.52 -25.72
N PHE B 431 8.46 13.81 -26.70
CA PHE B 431 7.40 12.87 -27.07
C PHE B 431 7.11 12.82 -28.56
N ASP B 432 6.59 11.68 -29.01
CA ASP B 432 6.23 11.48 -30.41
C ASP B 432 4.80 11.98 -30.55
N PRO B 433 4.60 13.08 -31.28
CA PRO B 433 3.26 13.63 -31.45
C PRO B 433 2.24 12.69 -32.09
N ASP B 434 2.70 11.75 -32.91
CA ASP B 434 1.80 10.83 -33.59
C ASP B 434 1.43 9.59 -32.79
N THR B 435 2.23 9.25 -31.79
CA THR B 435 1.95 8.05 -30.99
C THR B 435 1.61 8.32 -29.53
N VAL B 436 1.96 9.50 -29.03
CA VAL B 436 1.67 9.81 -27.63
C VAL B 436 0.20 9.55 -27.31
N ALA B 437 -0.04 8.78 -26.27
CA ALA B 437 -1.39 8.44 -25.87
C ALA B 437 -1.44 7.80 -24.50
N ASP B 438 -2.59 7.94 -23.85
CA ASP B 438 -2.81 7.35 -22.55
C ASP B 438 -3.22 5.89 -22.79
N ARG B 439 -2.85 5.00 -21.89
CA ARG B 439 -3.22 3.60 -22.02
C ARG B 439 -4.09 3.17 -20.85
N ALA B 440 -4.10 3.98 -19.80
CA ALA B 440 -4.90 3.70 -18.61
C ALA B 440 -6.38 3.77 -18.95
N THR B 441 -7.13 2.73 -18.57
CA THR B 441 -8.56 2.67 -18.83
C THR B 441 -9.31 2.52 -17.51
N TRP B 442 -10.63 2.55 -17.56
CA TRP B 442 -11.42 2.39 -16.34
C TRP B 442 -11.14 1.04 -15.70
N ASP B 443 -11.01 0.00 -16.53
CA ASP B 443 -10.75 -1.34 -16.04
C ASP B 443 -9.28 -1.56 -15.65
N GLU B 444 -8.37 -0.90 -16.36
CA GLU B 444 -6.93 -1.00 -16.08
C GLU B 444 -6.39 0.41 -15.96
N PRO B 445 -6.71 1.09 -14.85
CA PRO B 445 -6.29 2.46 -14.58
C PRO B 445 -4.82 2.75 -14.30
N THR B 446 -3.97 1.74 -14.24
CA THR B 446 -2.56 2.01 -13.97
C THR B 446 -1.62 1.75 -15.14
N LEU B 447 -2.17 1.48 -16.32
CA LEU B 447 -1.34 1.24 -17.49
C LEU B 447 -0.59 2.51 -17.86
N ALA B 448 0.71 2.38 -18.12
CA ALA B 448 1.54 3.53 -18.46
C ALA B 448 1.29 4.03 -19.88
N SER B 449 1.52 5.32 -20.09
CA SER B 449 1.34 5.94 -21.40
C SER B 449 2.40 5.46 -22.39
N VAL B 450 2.17 5.76 -23.66
CA VAL B 450 3.12 5.43 -24.72
C VAL B 450 3.42 6.74 -25.45
N GLY B 451 4.55 6.81 -26.15
CA GLY B 451 4.87 8.02 -26.87
C GLY B 451 5.74 9.01 -26.12
N ILE B 452 5.98 8.75 -24.83
CA ILE B 452 6.84 9.61 -24.04
C ILE B 452 8.24 9.00 -24.15
N ALA B 453 9.15 9.69 -24.82
CA ALA B 453 10.50 9.18 -25.04
C ALA B 453 11.46 9.46 -23.90
N GLY B 454 11.34 10.63 -23.28
CA GLY B 454 12.24 10.96 -22.19
C GLY B 454 11.76 12.16 -21.41
N VAL B 455 12.20 12.25 -20.17
CA VAL B 455 11.83 13.35 -19.30
C VAL B 455 13.02 13.76 -18.43
N LEU B 456 13.28 15.06 -18.40
CA LEU B 456 14.36 15.61 -17.58
C LEU B 456 13.73 16.51 -16.53
N VAL B 457 14.24 16.42 -15.31
CA VAL B 457 13.78 17.25 -14.21
C VAL B 457 15.04 17.98 -13.76
N ASN B 458 15.08 19.29 -13.96
CA ASN B 458 16.24 20.07 -13.59
C ASN B 458 17.50 19.50 -14.24
N GLY B 459 17.37 19.11 -15.50
CA GLY B 459 18.49 18.57 -16.25
C GLY B 459 18.83 17.11 -16.05
N ALA B 460 18.19 16.46 -15.09
CA ALA B 460 18.46 15.05 -14.81
C ALA B 460 17.34 14.14 -15.31
N GLU B 461 17.72 13.01 -15.91
CA GLU B 461 16.75 12.07 -16.43
C GLU B 461 15.97 11.36 -15.32
N VAL B 462 14.65 11.29 -15.47
CA VAL B 462 13.81 10.60 -14.50
C VAL B 462 12.99 9.54 -15.23
N PHE B 463 12.96 9.65 -16.56
CA PHE B 463 12.23 8.71 -17.40
C PHE B 463 12.95 8.65 -18.75
N PRO B 464 13.08 7.44 -19.34
CA PRO B 464 12.60 6.14 -18.85
C PRO B 464 13.36 5.55 -17.68
N GLN B 465 14.62 5.95 -17.50
CA GLN B 465 15.43 5.45 -16.41
C GLN B 465 15.52 6.42 -15.24
N PRO B 466 14.88 6.08 -14.11
CA PRO B 466 14.91 6.97 -12.94
C PRO B 466 16.31 6.98 -12.35
N PRO B 467 16.67 8.06 -11.62
CA PRO B 467 17.98 8.19 -11.00
C PRO B 467 18.31 7.05 -10.03
N ALA B 468 19.58 6.73 -9.92
CA ALA B 468 20.06 5.65 -9.04
C ALA B 468 19.65 5.88 -7.58
N ASP B 469 19.98 7.05 -7.05
CA ASP B 469 19.63 7.37 -5.67
C ASP B 469 18.94 8.73 -5.54
N GLY B 470 19.69 9.73 -5.11
CA GLY B 470 19.13 11.06 -4.94
C GLY B 470 18.30 11.52 -6.13
N ARG B 471 17.09 11.99 -5.86
CA ARG B 471 16.18 12.45 -6.90
C ARG B 471 16.41 13.94 -7.18
N PRO B 472 16.19 14.39 -8.42
CA PRO B 472 16.37 15.77 -8.86
C PRO B 472 15.30 16.82 -8.61
N GLY B 473 14.15 16.42 -8.10
CA GLY B 473 13.08 17.37 -7.85
C GLY B 473 13.41 18.41 -6.80
N GLN B 474 12.88 19.61 -6.99
CA GLN B 474 13.11 20.72 -6.06
C GLN B 474 11.80 21.16 -5.41
N VAL B 475 11.90 21.63 -4.16
CA VAL B 475 10.74 22.14 -3.47
C VAL B 475 10.62 23.58 -3.98
N LEU B 476 9.53 23.88 -4.67
CA LEU B 476 9.35 25.21 -5.22
C LEU B 476 8.76 26.17 -4.20
N ARG B 477 9.61 26.66 -3.30
CA ARG B 477 9.20 27.59 -2.25
C ARG B 477 8.89 28.95 -2.88
N ALA B 478 7.69 29.47 -2.63
CA ALA B 478 7.31 30.76 -3.18
C ALA B 478 7.94 31.89 -2.35
#